data_6ARB
#
_entry.id   6ARB
#
_cell.length_a   127.533
_cell.length_b   73.491
_cell.length_c   86.459
_cell.angle_alpha   90.00
_cell.angle_beta   99.14
_cell.angle_gamma   90.00
#
_symmetry.space_group_name_H-M   'C 1 2 1'
#
loop_
_entity.id
_entity.type
_entity.pdbx_description
1 polymer 'Citrate lyase subunit beta-like protein'
2 non-polymer 'MAGNESIUM ION'
3 non-polymer 'PYRUVIC ACID'
4 non-polymer 'COENZYME A'
5 non-polymer 'PHOSPHATE ION'
6 non-polymer GLYCEROL
7 water water
#
_entity_poly.entity_id   1
_entity_poly.type   'polypeptide(L)'
_entity_poly.pdbx_seq_one_letter_code
;MAHHHHHHMNLRAAGPGWLFCPADRPERFAKAAAAADVVILDLEDGVAEAQKPAARNALRDTPLDPERTVVRINAGGTAD
QARDLEALAGTAYTTVMLPKAESAAQVIELAPRDVIALVETARGAVCAAEIAAADPTVGMMWGAEDLIATLGGSSSRRAD
GAYRDVARHVRSTILLAASAFGRLALDAVHLDILDVEGLQEEARDAAAVGFDVTVCIHPSQIPVVRKAYRPSHEKLAWAR
RVLAASRSERGAFAFEGQMVDSPVLTHAETMLRRAGEATSE
;
_entity_poly.pdbx_strand_id   A,B,C
#
loop_
_chem_comp.id
_chem_comp.type
_chem_comp.name
_chem_comp.formula
COA non-polymer 'COENZYME A' 'C21 H36 N7 O16 P3 S'
GOL non-polymer GLYCEROL 'C3 H8 O3'
MG non-polymer 'MAGNESIUM ION' 'Mg 2'
PO4 non-polymer 'PHOSPHATE ION' 'O4 P -3'
PYR non-polymer 'PYRUVIC ACID' 'C3 H4 O3'
#
# COMPACT_ATOMS: atom_id res chain seq x y z
N ASN A 10 19.52 -20.27 -14.25
CA ASN A 10 18.38 -19.63 -14.92
C ASN A 10 17.07 -20.13 -14.32
N LEU A 11 16.84 -19.77 -13.06
CA LEU A 11 15.63 -20.17 -12.39
C LEU A 11 14.44 -19.52 -13.08
N ARG A 12 14.71 -18.43 -13.79
CA ARG A 12 13.67 -17.69 -14.48
C ARG A 12 13.00 -18.54 -15.56
N ALA A 13 13.74 -19.52 -16.08
CA ALA A 13 13.23 -20.37 -17.15
C ALA A 13 12.54 -21.61 -16.62
N ALA A 14 12.51 -21.76 -15.29
CA ALA A 14 11.82 -22.89 -14.70
C ALA A 14 10.35 -22.51 -14.50
N GLY A 15 9.48 -23.51 -14.43
CA GLY A 15 8.07 -23.28 -14.26
C GLY A 15 7.76 -22.52 -12.97
N PRO A 16 6.48 -22.24 -12.72
CA PRO A 16 6.02 -21.43 -11.58
C PRO A 16 5.83 -22.24 -10.30
N GLY A 17 5.90 -23.56 -10.38
CA GLY A 17 5.61 -24.40 -9.24
C GLY A 17 6.84 -24.77 -8.43
N TRP A 18 7.13 -23.97 -7.41
CA TRP A 18 8.27 -24.24 -6.53
C TRP A 18 7.77 -24.87 -5.22
N LEU A 19 8.56 -25.78 -4.66
CA LEU A 19 8.12 -26.55 -3.51
C LEU A 19 9.15 -26.59 -2.39
N PHE A 20 8.73 -26.16 -1.20
CA PHE A 20 9.52 -26.32 0.01
C PHE A 20 9.61 -27.79 0.43
N CYS A 21 10.80 -28.25 0.79
CA CYS A 21 10.93 -29.53 1.47
C CYS A 21 11.97 -29.40 2.58
N PRO A 22 11.60 -29.76 3.82
CA PRO A 22 12.51 -29.71 4.97
C PRO A 22 13.78 -30.53 4.74
N ALA A 23 14.92 -29.92 5.03
CA ALA A 23 16.21 -30.57 4.77
C ALA A 23 16.49 -31.80 5.65
N ASP A 24 15.68 -32.03 6.68
CA ASP A 24 15.90 -33.19 7.52
C ASP A 24 15.01 -34.35 7.09
N ARG A 25 14.50 -34.26 5.87
CA ARG A 25 13.65 -35.33 5.31
C ARG A 25 14.15 -35.72 3.93
N PRO A 26 15.38 -36.24 3.85
CA PRO A 26 16.06 -36.54 2.58
C PRO A 26 15.40 -37.64 1.74
N GLU A 27 14.51 -38.43 2.34
CA GLU A 27 13.81 -39.50 1.62
C GLU A 27 12.69 -38.91 0.74
N ARG A 28 12.40 -37.64 0.96
CA ARG A 28 11.40 -36.93 0.16
C ARG A 28 12.02 -36.03 -0.89
N PHE A 29 13.34 -35.87 -0.85
CA PHE A 29 14.02 -35.00 -1.81
C PHE A 29 13.74 -35.32 -3.27
N ALA A 30 13.90 -36.60 -3.63
CA ALA A 30 13.72 -37.02 -5.01
C ALA A 30 12.27 -36.87 -5.40
N LYS A 31 11.37 -37.13 -4.46
CA LYS A 31 9.94 -36.95 -4.70
C LYS A 31 9.64 -35.48 -4.96
N ALA A 32 10.13 -34.61 -4.09
CA ALA A 32 10.01 -33.18 -4.28
C ALA A 32 10.50 -32.77 -5.66
N ALA A 33 11.73 -33.15 -5.99
CA ALA A 33 12.32 -32.80 -7.28
C ALA A 33 11.47 -33.26 -8.46
N ALA A 34 10.82 -34.41 -8.31
CA ALA A 34 10.00 -34.98 -9.38
C ALA A 34 8.70 -34.22 -9.59
N ALA A 35 8.13 -33.73 -8.49
CA ALA A 35 6.84 -33.05 -8.53
C ALA A 35 6.93 -31.58 -8.96
N ALA A 36 7.99 -30.92 -8.51
CA ALA A 36 8.07 -29.46 -8.60
C ALA A 36 8.96 -29.00 -9.74
N ASP A 37 8.84 -27.71 -10.09
CA ASP A 37 9.74 -27.10 -11.05
C ASP A 37 11.10 -26.81 -10.41
N VAL A 38 11.05 -26.26 -9.20
CA VAL A 38 12.26 -26.00 -8.43
C VAL A 38 11.95 -26.41 -7.01
N VAL A 39 12.92 -27.05 -6.34
CA VAL A 39 12.79 -27.43 -4.94
C VAL A 39 13.56 -26.43 -4.07
N ILE A 40 12.94 -26.01 -2.98
CA ILE A 40 13.62 -25.23 -1.95
C ILE A 40 13.90 -26.12 -0.75
N LEU A 41 15.15 -26.54 -0.58
CA LEU A 41 15.55 -27.31 0.58
C LEU A 41 15.70 -26.39 1.80
N ASP A 42 14.96 -26.68 2.86
CA ASP A 42 14.84 -25.74 3.98
C ASP A 42 15.67 -26.10 5.22
N LEU A 43 16.58 -25.19 5.60
CA LEU A 43 17.33 -25.35 6.84
C LEU A 43 16.77 -24.44 7.93
N GLU A 44 15.82 -23.58 7.56
CA GLU A 44 15.22 -22.68 8.55
C GLU A 44 13.99 -23.26 9.25
N ASP A 45 12.87 -22.54 9.25
CA ASP A 45 11.73 -22.89 10.11
C ASP A 45 11.09 -24.27 9.91
N GLY A 46 11.30 -24.90 8.75
CA GLY A 46 10.78 -26.24 8.51
C GLY A 46 11.42 -27.28 9.41
N VAL A 47 12.57 -26.90 9.96
CA VAL A 47 13.41 -27.80 10.75
C VAL A 47 13.70 -27.28 12.16
N ALA A 48 13.39 -28.11 13.17
CA ALA A 48 13.69 -27.78 14.56
C ALA A 48 15.19 -27.61 14.79
N GLU A 49 15.56 -26.73 15.70
CA GLU A 49 16.96 -26.45 15.98
C GLU A 49 17.76 -27.73 16.24
N ALA A 50 17.11 -28.70 16.88
CA ALA A 50 17.78 -29.93 17.26
C ALA A 50 18.05 -30.82 16.06
N GLN A 51 17.35 -30.55 14.96
CA GLN A 51 17.48 -31.38 13.77
C GLN A 51 18.28 -30.70 12.67
N LYS A 52 18.72 -29.47 12.93
CA LYS A 52 19.45 -28.71 11.91
C LYS A 52 20.81 -29.32 11.50
N PRO A 53 21.60 -29.79 12.48
CA PRO A 53 22.88 -30.39 12.08
C PRO A 53 22.67 -31.64 11.23
N ALA A 54 21.62 -32.40 11.52
CA ALA A 54 21.29 -33.58 10.72
C ALA A 54 20.79 -33.15 9.35
N ALA A 55 20.00 -32.09 9.32
CA ALA A 55 19.51 -31.54 8.05
C ALA A 55 20.68 -31.15 7.15
N ARG A 56 21.70 -30.53 7.75
CA ARG A 56 22.91 -30.10 7.04
C ARG A 56 23.72 -31.26 6.47
N ASN A 57 23.76 -32.37 7.21
CA ASN A 57 24.37 -33.60 6.71
C ASN A 57 23.56 -34.18 5.56
N ALA A 58 22.24 -34.11 5.66
CA ALA A 58 21.38 -34.61 4.59
C ALA A 58 21.60 -33.83 3.29
N LEU A 59 21.69 -32.51 3.41
CA LEU A 59 21.97 -31.66 2.26
C LEU A 59 23.20 -32.14 1.50
N ARG A 60 24.26 -32.44 2.25
CA ARG A 60 25.51 -32.92 1.66
C ARG A 60 25.37 -34.32 1.09
N ASP A 61 24.66 -35.19 1.81
CA ASP A 61 24.67 -36.61 1.49
C ASP A 61 23.65 -37.00 0.43
N THR A 62 22.70 -36.09 0.14
CA THR A 62 21.61 -36.41 -0.78
C THR A 62 21.34 -35.28 -1.77
N PRO A 63 22.26 -35.08 -2.74
CA PRO A 63 22.27 -33.97 -3.70
C PRO A 63 21.15 -34.01 -4.76
N LEU A 64 20.57 -32.84 -5.02
CA LEU A 64 19.59 -32.65 -6.08
C LEU A 64 20.24 -31.79 -7.17
N ASP A 65 19.57 -31.68 -8.31
CA ASP A 65 20.08 -30.88 -9.41
C ASP A 65 20.20 -29.43 -8.97
N PRO A 66 21.43 -28.90 -8.95
CA PRO A 66 21.66 -27.55 -8.43
C PRO A 66 21.09 -26.48 -9.36
N GLU A 67 20.77 -26.85 -10.59
CA GLU A 67 20.17 -25.90 -11.51
C GLU A 67 18.66 -25.74 -11.23
N ARG A 68 18.11 -26.61 -10.38
CA ARG A 68 16.66 -26.59 -10.07
C ARG A 68 16.40 -26.73 -8.57
N THR A 69 17.36 -26.28 -7.77
CA THR A 69 17.26 -26.39 -6.33
C THR A 69 17.78 -25.11 -5.69
N VAL A 70 17.04 -24.62 -4.70
CA VAL A 70 17.43 -23.45 -3.91
C VAL A 70 17.55 -23.94 -2.48
N VAL A 71 18.43 -23.34 -1.67
CA VAL A 71 18.50 -23.70 -0.26
C VAL A 71 18.10 -22.53 0.63
N ARG A 72 17.05 -22.68 1.43
CA ARG A 72 16.74 -21.61 2.38
C ARG A 72 17.61 -21.76 3.63
N ILE A 73 18.50 -20.79 3.83
CA ILE A 73 19.40 -20.82 4.96
C ILE A 73 18.75 -20.07 6.12
N ASN A 74 19.48 -19.90 7.22
CA ASN A 74 18.96 -19.13 8.33
C ASN A 74 19.25 -17.62 8.20
N ALA A 75 18.65 -16.83 9.07
CA ALA A 75 18.74 -15.37 8.98
C ALA A 75 20.14 -14.82 9.20
N GLY A 76 20.38 -13.62 8.69
CA GLY A 76 21.64 -12.93 8.90
C GLY A 76 21.97 -12.74 10.38
N GLY A 77 23.25 -12.90 10.71
CA GLY A 77 23.73 -12.70 12.07
C GLY A 77 23.50 -13.84 13.05
N THR A 78 22.88 -14.93 12.60
CA THR A 78 22.64 -16.06 13.50
C THR A 78 23.75 -17.10 13.38
N ALA A 79 24.01 -17.82 14.46
CA ALA A 79 25.00 -18.88 14.47
C ALA A 79 24.61 -19.93 13.45
N ASP A 80 23.32 -20.21 13.35
CA ASP A 80 22.81 -21.16 12.36
C ASP A 80 23.17 -20.80 10.93
N GLN A 81 23.09 -19.52 10.55
CA GLN A 81 23.48 -19.19 9.18
C GLN A 81 24.96 -19.56 8.96
N ALA A 82 25.79 -19.24 9.94
CA ALA A 82 27.21 -19.56 9.85
C ALA A 82 27.40 -21.05 9.57
N ARG A 83 26.72 -21.90 10.33
CA ARG A 83 26.83 -23.34 10.13
C ARG A 83 26.24 -23.78 8.79
N ASP A 84 25.16 -23.13 8.37
CA ASP A 84 24.56 -23.40 7.05
C ASP A 84 25.53 -23.14 5.90
N LEU A 85 26.25 -22.03 5.98
CA LEU A 85 27.20 -21.69 4.93
C LEU A 85 28.39 -22.64 4.93
N GLU A 86 28.80 -23.07 6.11
CA GLU A 86 29.87 -24.07 6.22
C GLU A 86 29.43 -25.37 5.56
N ALA A 87 28.20 -25.80 5.86
CA ALA A 87 27.65 -27.02 5.28
C ALA A 87 27.50 -26.90 3.76
N LEU A 88 27.21 -25.68 3.31
CA LEU A 88 26.97 -25.44 1.89
C LEU A 88 28.25 -25.49 1.08
N ALA A 89 29.38 -25.21 1.73
CA ALA A 89 30.67 -25.26 1.06
C ALA A 89 30.92 -26.67 0.53
N GLY A 90 30.22 -27.65 1.09
CA GLY A 90 30.36 -29.03 0.68
C GLY A 90 29.33 -29.48 -0.34
N THR A 91 28.65 -28.53 -0.96
CA THR A 91 27.63 -28.84 -1.95
C THR A 91 27.91 -28.07 -3.22
N ALA A 92 27.09 -28.31 -4.25
CA ALA A 92 27.17 -27.57 -5.50
C ALA A 92 26.08 -26.52 -5.62
N TYR A 93 25.38 -26.22 -4.52
CA TYR A 93 24.27 -25.25 -4.55
C TYR A 93 24.76 -23.81 -4.66
N THR A 94 24.17 -23.04 -5.57
CA THR A 94 24.65 -21.68 -5.82
C THR A 94 23.61 -20.60 -5.55
N THR A 95 22.36 -21.00 -5.36
CA THR A 95 21.30 -20.04 -5.00
C THR A 95 20.77 -20.37 -3.61
N VAL A 96 20.66 -19.35 -2.77
CA VAL A 96 20.09 -19.47 -1.43
C VAL A 96 18.92 -18.52 -1.24
N MET A 97 18.01 -18.91 -0.33
CA MET A 97 16.93 -18.05 0.07
C MET A 97 17.21 -17.55 1.47
N LEU A 98 17.15 -16.23 1.64
CA LEU A 98 17.49 -15.58 2.91
C LEU A 98 16.21 -15.18 3.63
N PRO A 99 15.92 -15.86 4.75
CA PRO A 99 14.72 -15.48 5.49
C PRO A 99 14.94 -14.22 6.32
N LYS A 100 13.84 -13.55 6.64
CA LYS A 100 13.88 -12.31 7.42
C LYS A 100 14.85 -11.32 6.80
N ALA A 101 14.89 -11.24 5.47
CA ALA A 101 15.73 -10.28 4.79
C ALA A 101 15.36 -8.86 5.19
N GLU A 102 16.34 -8.11 5.68
CA GLU A 102 16.08 -6.82 6.29
C GLU A 102 16.98 -5.67 5.82
N SER A 103 18.06 -5.99 5.11
CA SER A 103 18.91 -4.94 4.53
C SER A 103 19.67 -5.45 3.31
N ALA A 104 20.09 -4.53 2.44
CA ALA A 104 20.96 -4.88 1.33
C ALA A 104 22.23 -5.61 1.83
N ALA A 105 22.79 -5.14 2.95
CA ALA A 105 24.00 -5.77 3.51
C ALA A 105 23.84 -7.27 3.80
N GLN A 106 22.68 -7.67 4.30
CA GLN A 106 22.44 -9.10 4.56
C GLN A 106 22.50 -9.94 3.29
N VAL A 107 22.11 -9.35 2.16
CA VAL A 107 22.16 -10.04 0.89
C VAL A 107 23.58 -10.03 0.33
N ILE A 108 24.22 -8.87 0.39
CA ILE A 108 25.54 -8.70 -0.20
C ILE A 108 26.57 -9.62 0.44
N GLU A 109 26.41 -9.87 1.75
CA GLU A 109 27.40 -10.69 2.42
C GLU A 109 27.31 -12.17 1.99
N LEU A 110 26.28 -12.51 1.22
CA LEU A 110 26.12 -13.88 0.73
C LEU A 110 26.81 -14.13 -0.62
N ALA A 111 27.37 -13.07 -1.22
CA ALA A 111 28.20 -13.23 -2.42
C ALA A 111 29.21 -14.34 -2.21
N PRO A 112 29.54 -15.08 -3.27
CA PRO A 112 29.08 -14.86 -4.65
C PRO A 112 27.85 -15.68 -5.01
N ARG A 113 27.09 -16.15 -4.03
CA ARG A 113 25.88 -16.90 -4.33
C ARG A 113 24.75 -15.98 -4.78
N ASP A 114 23.83 -16.53 -5.59
CA ASP A 114 22.62 -15.80 -5.95
C ASP A 114 21.64 -15.88 -4.79
N VAL A 115 20.88 -14.82 -4.58
CA VAL A 115 20.04 -14.74 -3.40
C VAL A 115 18.59 -14.42 -3.71
N ILE A 116 17.69 -15.25 -3.18
CA ILE A 116 16.28 -14.91 -3.15
C ILE A 116 15.98 -14.38 -1.76
N ALA A 117 15.61 -13.11 -1.68
CA ALA A 117 15.36 -12.47 -0.40
C ALA A 117 13.92 -12.67 0.00
N LEU A 118 13.73 -13.34 1.13
CA LEU A 118 12.40 -13.55 1.70
C LEU A 118 12.09 -12.45 2.71
N VAL A 119 11.27 -11.47 2.29
CA VAL A 119 10.92 -10.36 3.16
C VAL A 119 9.70 -10.75 3.97
N GLU A 120 9.85 -10.77 5.29
CA GLU A 120 8.79 -11.28 6.15
C GLU A 120 8.77 -10.60 7.50
N THR A 121 9.24 -9.35 7.51
CA THR A 121 9.22 -8.50 8.71
C THR A 121 8.95 -7.06 8.28
N ALA A 122 8.54 -6.24 9.24
CA ALA A 122 8.27 -4.83 8.97
C ALA A 122 9.51 -4.15 8.42
N ARG A 123 10.66 -4.38 9.06
CA ARG A 123 11.92 -3.79 8.58
C ARG A 123 12.19 -4.19 7.14
N GLY A 124 11.99 -5.47 6.83
CA GLY A 124 12.13 -5.93 5.46
C GLY A 124 11.25 -5.18 4.48
N ALA A 125 9.99 -4.94 4.88
CA ALA A 125 9.04 -4.26 4.01
C ALA A 125 9.47 -2.83 3.78
N VAL A 126 9.93 -2.18 4.84
CA VAL A 126 10.38 -0.79 4.76
C VAL A 126 11.61 -0.65 3.85
N CYS A 127 12.48 -1.66 3.88
CA CYS A 127 13.74 -1.64 3.13
C CYS A 127 13.66 -2.44 1.82
N ALA A 128 12.45 -2.77 1.37
CA ALA A 128 12.28 -3.70 0.23
C ALA A 128 13.08 -3.33 -1.03
N ALA A 129 13.08 -2.04 -1.37
CA ALA A 129 13.72 -1.60 -2.60
C ALA A 129 15.22 -1.72 -2.52
N GLU A 130 15.79 -1.38 -1.36
CA GLU A 130 17.23 -1.53 -1.11
C GLU A 130 17.68 -3.00 -1.21
N ILE A 131 16.87 -3.89 -0.63
CA ILE A 131 17.11 -5.32 -0.72
C ILE A 131 17.07 -5.82 -2.19
N ALA A 132 16.04 -5.41 -2.93
CA ALA A 132 15.91 -5.82 -4.32
C ALA A 132 17.08 -5.35 -5.18
N ALA A 133 17.52 -4.11 -4.92
CA ALA A 133 18.61 -3.52 -5.69
C ALA A 133 19.98 -4.15 -5.42
N ALA A 134 20.13 -4.87 -4.31
CA ALA A 134 21.41 -5.49 -3.97
C ALA A 134 21.92 -6.42 -5.09
N ASP A 135 23.22 -6.36 -5.36
CA ASP A 135 23.80 -7.07 -6.50
C ASP A 135 23.51 -8.59 -6.57
N PRO A 136 23.58 -9.31 -5.43
CA PRO A 136 23.36 -10.75 -5.54
C PRO A 136 21.89 -11.16 -5.63
N THR A 137 20.98 -10.22 -5.46
CA THR A 137 19.56 -10.55 -5.45
C THR A 137 19.10 -10.97 -6.83
N VAL A 138 18.44 -12.12 -6.93
CA VAL A 138 17.84 -12.53 -8.20
C VAL A 138 16.34 -12.75 -8.05
N GLY A 139 15.85 -12.72 -6.81
CA GLY A 139 14.43 -12.87 -6.55
C GLY A 139 14.00 -12.30 -5.21
N MET A 140 12.71 -11.99 -5.07
CA MET A 140 12.12 -11.52 -3.81
C MET A 140 10.88 -12.33 -3.55
N MET A 141 10.73 -12.78 -2.32
CA MET A 141 9.54 -13.49 -1.88
C MET A 141 9.02 -12.74 -0.66
N TRP A 142 7.74 -12.89 -0.36
CA TRP A 142 7.21 -12.34 0.88
C TRP A 142 6.59 -13.47 1.72
N GLY A 143 6.57 -13.26 3.04
CA GLY A 143 6.09 -14.28 3.96
C GLY A 143 5.09 -13.67 4.92
N ALA A 144 3.85 -14.14 4.86
CA ALA A 144 2.76 -13.53 5.61
C ALA A 144 2.79 -13.88 7.09
N GLU A 145 3.25 -15.10 7.40
CA GLU A 145 3.15 -15.59 8.77
C GLU A 145 4.20 -15.01 9.71
N ASP A 146 5.46 -15.00 9.28
CA ASP A 146 6.48 -14.29 10.05
C ASP A 146 6.19 -12.79 10.11
N LEU A 147 5.61 -12.24 9.04
CA LEU A 147 5.19 -10.85 9.06
C LEU A 147 4.28 -10.58 10.26
N ILE A 148 3.19 -11.33 10.35
CA ILE A 148 2.25 -11.13 11.46
C ILE A 148 2.90 -11.48 12.80
N ALA A 149 3.68 -12.54 12.80
CA ALA A 149 4.38 -12.97 14.00
C ALA A 149 5.26 -11.85 14.53
N THR A 150 6.08 -11.24 13.67
CA THR A 150 7.00 -10.21 14.12
C THR A 150 6.31 -8.88 14.46
N LEU A 151 5.14 -8.62 13.85
CA LEU A 151 4.35 -7.43 14.18
C LEU A 151 3.66 -7.55 15.54
N GLY A 152 3.61 -8.75 16.10
CA GLY A 152 2.92 -9.00 17.34
C GLY A 152 1.44 -9.33 17.15
N GLY A 153 1.07 -9.73 15.93
CA GLY A 153 -0.29 -10.11 15.60
C GLY A 153 -0.52 -11.61 15.77
N SER A 154 -1.71 -12.07 15.39
CA SER A 154 -2.09 -13.45 15.64
C SER A 154 -2.75 -14.20 14.48
N SER A 155 -3.06 -13.49 13.40
CA SER A 155 -3.58 -14.14 12.19
C SER A 155 -3.38 -13.30 10.94
N SER A 156 -2.90 -13.91 9.87
CA SER A 156 -2.65 -13.20 8.63
C SER A 156 -3.91 -13.04 7.79
N ARG A 157 -4.94 -13.83 8.10
CA ARG A 157 -6.17 -13.78 7.30
C ARG A 157 -7.41 -13.47 8.14
N ARG A 158 -8.41 -12.87 7.50
CA ARG A 158 -9.66 -12.54 8.19
C ARG A 158 -10.61 -13.73 8.07
N ALA A 159 -11.77 -13.62 8.71
CA ALA A 159 -12.71 -14.75 8.78
C ALA A 159 -13.00 -15.39 7.43
N ASP A 160 -13.19 -14.55 6.40
CA ASP A 160 -13.57 -15.04 5.08
C ASP A 160 -12.37 -15.57 4.30
N GLY A 161 -11.22 -15.65 4.96
CA GLY A 161 -10.03 -16.23 4.35
C GLY A 161 -9.09 -15.27 3.62
N ALA A 162 -9.53 -14.05 3.35
CA ALA A 162 -8.64 -13.13 2.65
C ALA A 162 -7.53 -12.71 3.58
N TYR A 163 -6.39 -12.35 3.02
CA TYR A 163 -5.30 -11.77 3.78
C TYR A 163 -5.73 -10.43 4.34
N ARG A 164 -5.32 -10.15 5.58
CA ARG A 164 -5.55 -8.82 6.13
C ARG A 164 -4.73 -7.79 5.35
N ASP A 165 -5.10 -6.53 5.53
CA ASP A 165 -4.58 -5.44 4.71
C ASP A 165 -3.06 -5.36 4.73
N VAL A 166 -2.46 -5.46 5.89
CA VAL A 166 -1.00 -5.30 5.98
C VAL A 166 -0.23 -6.36 5.17
N ALA A 167 -0.78 -7.56 5.11
CA ALA A 167 -0.20 -8.60 4.27
C ALA A 167 -0.40 -8.30 2.78
N ARG A 168 -1.58 -7.81 2.40
CA ARG A 168 -1.80 -7.45 1.00
C ARG A 168 -0.90 -6.30 0.62
N HIS A 169 -0.72 -5.36 1.54
CA HIS A 169 0.20 -4.24 1.34
C HIS A 169 1.63 -4.73 1.07
N VAL A 170 2.12 -5.63 1.91
CA VAL A 170 3.49 -6.13 1.76
C VAL A 170 3.65 -6.93 0.48
N ARG A 171 2.62 -7.69 0.13
CA ARG A 171 2.66 -8.46 -1.11
C ARG A 171 2.93 -7.55 -2.31
N SER A 172 2.15 -6.47 -2.42
CA SER A 172 2.32 -5.52 -3.51
C SER A 172 3.67 -4.81 -3.41
N THR A 173 4.04 -4.45 -2.18
CA THR A 173 5.37 -3.87 -1.96
C THR A 173 6.51 -4.72 -2.54
N ILE A 174 6.48 -6.02 -2.29
CA ILE A 174 7.54 -6.92 -2.77
C ILE A 174 7.49 -7.13 -4.28
N LEU A 175 6.28 -7.27 -4.84
CA LEU A 175 6.11 -7.37 -6.29
C LEU A 175 6.70 -6.15 -7.00
N LEU A 176 6.44 -4.96 -6.47
CA LEU A 176 6.97 -3.74 -7.09
C LEU A 176 8.50 -3.60 -6.93
N ALA A 177 8.98 -3.89 -5.72
CA ALA A 177 10.42 -3.84 -5.47
C ALA A 177 11.14 -4.82 -6.38
N ALA A 178 10.61 -6.04 -6.46
CA ALA A 178 11.24 -7.06 -7.31
C ALA A 178 11.27 -6.59 -8.75
N SER A 179 10.14 -6.14 -9.27
CA SER A 179 10.03 -5.78 -10.68
C SER A 179 10.81 -4.52 -11.01
N ALA A 180 10.94 -3.61 -10.05
CA ALA A 180 11.64 -2.34 -10.29
C ALA A 180 13.13 -2.61 -10.56
N PHE A 181 13.63 -3.76 -10.12
CA PHE A 181 15.04 -4.10 -10.30
C PHE A 181 15.26 -5.38 -11.08
N GLY A 182 14.24 -5.77 -11.83
CA GLY A 182 14.33 -6.90 -12.73
C GLY A 182 14.55 -8.23 -12.05
N ARG A 183 13.99 -8.40 -10.85
CA ARG A 183 14.11 -9.66 -10.12
C ARG A 183 12.86 -10.52 -10.26
N LEU A 184 13.03 -11.83 -10.11
CA LEU A 184 11.88 -12.72 -9.98
C LEU A 184 11.05 -12.31 -8.75
N ALA A 185 9.73 -12.49 -8.87
CA ALA A 185 8.80 -12.21 -7.79
C ALA A 185 8.12 -13.53 -7.43
N LEU A 186 8.22 -13.92 -6.16
CA LEU A 186 7.63 -15.17 -5.71
C LEU A 186 6.49 -14.89 -4.73
N ASP A 187 5.31 -15.48 -4.98
CA ASP A 187 4.14 -15.29 -4.12
C ASP A 187 4.17 -16.27 -2.94
N ALA A 188 3.50 -15.87 -1.85
CA ALA A 188 3.51 -16.58 -0.57
C ALA A 188 2.84 -17.96 -0.54
N VAL A 189 3.26 -18.78 0.42
CA VAL A 189 2.77 -20.16 0.54
C VAL A 189 1.29 -20.19 0.94
N HIS A 190 0.60 -21.26 0.54
CA HIS A 190 -0.81 -21.46 0.94
C HIS A 190 -0.78 -22.59 1.97
N LEU A 191 -1.00 -22.23 3.23
CA LEU A 191 -0.82 -23.14 4.35
C LEU A 191 -1.94 -24.18 4.51
N ASP A 192 -3.12 -23.86 3.99
CA ASP A 192 -4.25 -24.76 4.05
C ASP A 192 -4.14 -25.75 2.91
N ILE A 193 -3.57 -26.91 3.20
CA ILE A 193 -3.15 -27.88 2.19
C ILE A 193 -4.26 -28.35 1.25
N LEU A 194 -5.41 -28.70 1.81
CA LEU A 194 -6.52 -29.22 1.00
C LEU A 194 -7.36 -28.12 0.34
N ASP A 195 -7.06 -26.86 0.63
CA ASP A 195 -7.81 -25.75 0.05
C ASP A 195 -7.28 -25.39 -1.34
N VAL A 196 -7.53 -26.27 -2.30
CA VAL A 196 -7.02 -26.09 -3.64
C VAL A 196 -7.76 -24.96 -4.36
N GLU A 197 -9.00 -24.73 -3.96
CA GLU A 197 -9.81 -23.65 -4.50
C GLU A 197 -9.21 -22.29 -4.13
N GLY A 198 -8.88 -22.13 -2.86
CA GLY A 198 -8.21 -20.93 -2.39
C GLY A 198 -6.85 -20.71 -3.05
N LEU A 199 -6.10 -21.80 -3.22
CA LEU A 199 -4.79 -21.75 -3.88
C LEU A 199 -4.94 -21.36 -5.36
N GLN A 200 -5.95 -21.91 -6.01
CA GLN A 200 -6.24 -21.57 -7.40
C GLN A 200 -6.48 -20.07 -7.57
N GLU A 201 -7.36 -19.53 -6.73
CA GLU A 201 -7.67 -18.09 -6.75
C GLU A 201 -6.42 -17.24 -6.59
N GLU A 202 -5.58 -17.59 -5.63
CA GLU A 202 -4.37 -16.85 -5.32
C GLU A 202 -3.38 -16.91 -6.48
N ALA A 203 -3.16 -18.13 -6.99
CA ALA A 203 -2.22 -18.36 -8.06
C ALA A 203 -2.63 -17.71 -9.37
N ARG A 204 -3.94 -17.67 -9.64
CA ARG A 204 -4.42 -17.03 -10.87
C ARG A 204 -4.17 -15.53 -10.79
N ASP A 205 -4.47 -14.96 -9.63
CA ASP A 205 -4.17 -13.56 -9.39
C ASP A 205 -2.67 -13.27 -9.46
N ALA A 206 -1.88 -14.11 -8.81
CA ALA A 206 -0.42 -14.01 -8.89
C ALA A 206 0.08 -13.96 -10.33
N ALA A 207 -0.42 -14.87 -11.16
CA ALA A 207 -0.01 -14.88 -12.56
C ALA A 207 -0.48 -13.62 -13.30
N ALA A 208 -1.67 -13.13 -12.95
CA ALA A 208 -2.26 -11.98 -13.64
C ALA A 208 -1.52 -10.68 -13.35
N VAL A 209 -0.90 -10.58 -12.17
CA VAL A 209 -0.18 -9.35 -11.83
C VAL A 209 1.32 -9.42 -12.07
N GLY A 210 1.85 -10.57 -12.49
CA GLY A 210 3.27 -10.62 -12.82
C GLY A 210 4.21 -11.36 -11.86
N PHE A 211 3.64 -12.09 -10.91
CA PHE A 211 4.48 -13.01 -10.13
C PHE A 211 4.98 -14.12 -11.04
N ASP A 212 6.21 -14.58 -10.80
CA ASP A 212 6.82 -15.62 -11.62
C ASP A 212 6.65 -17.00 -11.01
N VAL A 213 6.41 -17.01 -9.71
CA VAL A 213 6.39 -18.26 -8.95
C VAL A 213 5.34 -18.21 -7.85
N THR A 214 4.64 -19.32 -7.66
CA THR A 214 3.86 -19.52 -6.44
C THR A 214 4.52 -20.64 -5.66
N VAL A 215 4.99 -20.33 -4.46
CA VAL A 215 5.68 -21.32 -3.65
C VAL A 215 4.66 -22.19 -2.92
N CYS A 216 4.92 -23.49 -2.93
CA CYS A 216 4.01 -24.48 -2.36
C CYS A 216 4.65 -25.20 -1.17
N ILE A 217 3.83 -25.83 -0.33
CA ILE A 217 4.34 -26.60 0.79
C ILE A 217 3.91 -28.09 0.77
N HIS A 218 3.22 -28.51 -0.31
CA HIS A 218 2.80 -29.90 -0.48
C HIS A 218 2.80 -30.20 -1.98
N PRO A 219 3.30 -31.38 -2.38
CA PRO A 219 3.42 -31.65 -3.83
C PRO A 219 2.07 -31.66 -4.54
N SER A 220 0.98 -31.87 -3.80
CA SER A 220 -0.34 -31.85 -4.41
C SER A 220 -0.72 -30.45 -4.90
N GLN A 221 -0.02 -29.43 -4.43
CA GLN A 221 -0.32 -28.06 -4.82
C GLN A 221 0.25 -27.69 -6.19
N ILE A 222 1.26 -28.43 -6.62
CA ILE A 222 2.03 -28.05 -7.80
C ILE A 222 1.19 -28.05 -9.06
N PRO A 223 0.44 -29.14 -9.31
CA PRO A 223 -0.46 -29.13 -10.48
C PRO A 223 -1.44 -27.95 -10.46
N VAL A 224 -1.96 -27.58 -9.30
CA VAL A 224 -2.87 -26.45 -9.19
C VAL A 224 -2.20 -25.16 -9.65
N VAL A 225 -0.95 -24.96 -9.23
CA VAL A 225 -0.22 -23.75 -9.56
C VAL A 225 0.13 -23.67 -11.04
N ARG A 226 0.58 -24.78 -11.62
CA ARG A 226 0.93 -24.81 -13.04
C ARG A 226 -0.29 -24.51 -13.91
N LYS A 227 -1.43 -25.10 -13.53
CA LYS A 227 -2.68 -24.86 -14.21
C LYS A 227 -3.11 -23.40 -14.08
N ALA A 228 -2.97 -22.84 -12.88
CA ALA A 228 -3.39 -21.46 -12.63
C ALA A 228 -2.57 -20.45 -13.44
N TYR A 229 -1.32 -20.79 -13.74
CA TYR A 229 -0.45 -19.87 -14.47
C TYR A 229 -0.69 -19.98 -15.99
N ARG A 230 -1.54 -20.91 -16.40
CA ARG A 230 -2.02 -20.93 -17.77
C ARG A 230 -3.32 -20.15 -17.86
N PRO A 231 -3.36 -19.11 -18.72
CA PRO A 231 -4.58 -18.30 -18.79
C PRO A 231 -5.77 -19.15 -19.22
N SER A 232 -6.97 -18.75 -18.79
CA SER A 232 -8.16 -19.52 -19.08
C SER A 232 -8.50 -19.57 -20.57
N HIS A 233 -9.37 -20.48 -20.95
CA HIS A 233 -9.80 -20.57 -22.33
C HIS A 233 -10.40 -19.25 -22.80
N GLU A 234 -11.18 -18.62 -21.92
CA GLU A 234 -11.87 -17.37 -22.24
C GLU A 234 -10.89 -16.21 -22.51
N LYS A 235 -9.88 -16.09 -21.66
CA LYS A 235 -8.84 -15.07 -21.83
C LYS A 235 -8.02 -15.29 -23.09
N LEU A 236 -7.63 -16.54 -23.34
CA LEU A 236 -6.88 -16.87 -24.56
C LEU A 236 -7.66 -16.56 -25.82
N ALA A 237 -8.96 -16.88 -25.80
CA ALA A 237 -9.84 -16.53 -26.91
C ALA A 237 -9.78 -15.02 -27.21
N TRP A 238 -9.93 -14.22 -26.15
CA TRP A 238 -9.83 -12.77 -26.29
C TRP A 238 -8.46 -12.28 -26.80
N ALA A 239 -7.38 -12.82 -26.24
CA ALA A 239 -6.03 -12.47 -26.66
C ALA A 239 -5.83 -12.71 -28.16
N ARG A 240 -6.29 -13.86 -28.66
CA ARG A 240 -6.23 -14.16 -30.09
C ARG A 240 -7.02 -13.13 -30.90
N ARG A 241 -8.25 -12.84 -30.47
CA ARG A 241 -9.10 -11.89 -31.18
C ARG A 241 -8.45 -10.50 -31.28
N VAL A 242 -8.08 -9.95 -30.13
CA VAL A 242 -7.59 -8.58 -30.06
C VAL A 242 -6.27 -8.38 -30.80
N LEU A 243 -5.41 -9.39 -30.77
CA LEU A 243 -4.13 -9.30 -31.45
C LEU A 243 -4.32 -9.43 -32.96
N ALA A 244 -5.29 -10.24 -33.37
CA ALA A 244 -5.63 -10.38 -34.78
C ALA A 244 -6.19 -9.07 -35.28
N ALA A 245 -7.11 -8.50 -34.49
CA ALA A 245 -7.69 -7.21 -34.85
C ALA A 245 -6.62 -6.11 -34.93
N SER A 246 -5.63 -6.16 -34.04
CA SER A 246 -4.61 -5.12 -33.97
C SER A 246 -3.76 -5.08 -35.24
N ARG A 247 -3.64 -6.22 -35.92
CA ARG A 247 -2.81 -6.28 -37.14
C ARG A 247 -3.45 -5.53 -38.30
N SER A 248 -4.65 -4.99 -38.06
CA SER A 248 -5.39 -4.19 -39.04
C SER A 248 -5.49 -2.74 -38.60
N GLU A 249 -5.01 -2.44 -37.39
CA GLU A 249 -5.16 -1.12 -36.80
C GLU A 249 -3.83 -0.42 -36.68
N ARG A 250 -3.87 0.90 -36.50
CA ARG A 250 -2.69 1.68 -36.18
C ARG A 250 -2.99 2.67 -35.05
N GLY A 251 -2.41 2.43 -33.88
CA GLY A 251 -2.66 3.26 -32.72
C GLY A 251 -3.84 2.74 -31.91
N ALA A 252 -4.36 3.59 -31.04
CA ALA A 252 -5.48 3.22 -30.19
C ALA A 252 -6.69 2.89 -31.03
N PHE A 253 -7.40 1.84 -30.64
CA PHE A 253 -8.65 1.49 -31.28
C PHE A 253 -9.62 0.90 -30.27
N ALA A 254 -10.89 0.90 -30.64
CA ALA A 254 -11.92 0.31 -29.79
C ALA A 254 -12.17 -1.14 -30.23
N PHE A 255 -12.08 -2.05 -29.28
CA PHE A 255 -12.38 -3.45 -29.57
C PHE A 255 -13.31 -4.00 -28.52
N GLU A 256 -14.49 -4.43 -28.96
CA GLU A 256 -15.50 -5.00 -28.08
C GLU A 256 -15.77 -4.06 -26.90
N GLY A 257 -15.93 -2.79 -27.23
CA GLY A 257 -16.31 -1.79 -26.23
C GLY A 257 -15.18 -1.23 -25.38
N GLN A 258 -13.96 -1.74 -25.57
CA GLN A 258 -12.81 -1.32 -24.77
C GLN A 258 -11.80 -0.53 -25.59
N MET A 259 -11.24 0.52 -24.98
CA MET A 259 -10.14 1.26 -25.56
C MET A 259 -8.90 0.36 -25.53
N VAL A 260 -8.31 0.09 -26.70
CA VAL A 260 -7.17 -0.82 -26.80
C VAL A 260 -5.94 -0.12 -27.36
N ASP A 261 -4.79 -0.29 -26.70
CA ASP A 261 -3.51 0.16 -27.25
C ASP A 261 -2.35 -0.67 -26.73
N SER A 262 -1.13 -0.17 -26.90
CA SER A 262 0.08 -0.97 -26.70
C SER A 262 0.12 -1.91 -25.47
N PRO A 263 -0.05 -1.38 -24.25
CA PRO A 263 0.05 -2.24 -23.06
C PRO A 263 -1.01 -3.35 -22.99
N VAL A 264 -2.20 -3.06 -23.52
CA VAL A 264 -3.27 -4.05 -23.54
C VAL A 264 -2.91 -5.19 -24.49
N LEU A 265 -2.28 -4.84 -25.60
CA LEU A 265 -1.86 -5.84 -26.58
C LEU A 265 -0.70 -6.65 -25.99
N THR A 266 0.10 -5.99 -25.16
CA THR A 266 1.17 -6.67 -24.46
C THR A 266 0.59 -7.71 -23.51
N HIS A 267 -0.50 -7.35 -22.83
CA HIS A 267 -1.20 -8.29 -21.95
C HIS A 267 -1.59 -9.56 -22.72
N ALA A 268 -2.13 -9.35 -23.91
CA ALA A 268 -2.60 -10.45 -24.76
C ALA A 268 -1.45 -11.35 -25.19
N GLU A 269 -0.36 -10.72 -25.61
CA GLU A 269 0.83 -11.45 -25.99
C GLU A 269 1.36 -12.25 -24.81
N THR A 270 1.28 -11.67 -23.62
CA THR A 270 1.80 -12.32 -22.45
C THR A 270 0.97 -13.56 -22.13
N MET A 271 -0.35 -13.45 -22.32
CA MET A 271 -1.23 -14.59 -22.10
C MET A 271 -0.87 -15.72 -23.06
N LEU A 272 -0.61 -15.38 -24.31
CA LEU A 272 -0.31 -16.41 -25.31
C LEU A 272 1.08 -17.00 -25.12
N ARG A 273 2.03 -16.16 -24.72
CA ARG A 273 3.34 -16.67 -24.33
C ARG A 273 3.19 -17.70 -23.21
N ARG A 274 2.36 -17.40 -22.20
CA ARG A 274 2.16 -18.33 -21.10
C ARG A 274 1.55 -19.65 -21.55
N ALA A 275 0.61 -19.58 -22.48
CA ALA A 275 -0.04 -20.78 -22.99
C ALA A 275 0.96 -21.61 -23.77
N GLY A 276 1.89 -20.93 -24.45
CA GLY A 276 2.94 -21.59 -25.21
C GLY A 276 3.92 -22.33 -24.30
N GLU A 277 4.24 -21.71 -23.17
CA GLU A 277 5.11 -22.32 -22.17
C GLU A 277 4.34 -23.31 -21.32
N ASN B 10 -2.13 27.65 -14.90
CA ASN B 10 -3.12 27.30 -13.87
C ASN B 10 -4.07 26.20 -14.30
N LEU B 11 -3.55 24.98 -14.40
CA LEU B 11 -4.37 23.83 -14.74
C LEU B 11 -5.27 23.45 -13.56
N ARG B 12 -4.88 23.91 -12.37
CA ARG B 12 -5.58 23.60 -11.13
C ARG B 12 -6.94 24.31 -11.06
N ALA B 13 -7.30 25.02 -12.13
CA ALA B 13 -8.55 25.77 -12.16
C ALA B 13 -9.47 25.34 -13.29
N ALA B 14 -9.13 24.25 -13.97
CA ALA B 14 -9.75 23.90 -15.24
C ALA B 14 -11.09 23.19 -15.12
N GLY B 15 -11.17 22.24 -14.20
CA GLY B 15 -12.30 21.34 -14.15
C GLY B 15 -11.75 19.93 -14.21
N PRO B 16 -12.49 18.94 -13.68
CA PRO B 16 -11.95 17.58 -13.47
C PRO B 16 -11.94 16.68 -14.71
N GLY B 17 -12.60 17.11 -15.78
CA GLY B 17 -12.75 16.25 -16.95
C GLY B 17 -11.67 16.48 -18.00
N TRP B 18 -10.58 15.72 -17.93
CA TRP B 18 -9.55 15.82 -18.95
C TRP B 18 -9.67 14.68 -19.97
N LEU B 19 -9.31 14.93 -21.22
CA LEU B 19 -9.59 13.97 -22.30
C LEU B 19 -8.39 13.74 -23.19
N PHE B 20 -7.95 12.49 -23.28
CA PHE B 20 -6.94 12.08 -24.26
C PHE B 20 -7.48 12.17 -25.69
N CYS B 21 -6.68 12.71 -26.62
CA CYS B 21 -6.98 12.59 -28.05
C CYS B 21 -5.66 12.37 -28.81
N PRO B 22 -5.59 11.28 -29.61
CA PRO B 22 -4.39 10.98 -30.39
C PRO B 22 -4.00 12.16 -31.28
N ALA B 23 -2.71 12.45 -31.35
CA ALA B 23 -2.26 13.62 -32.09
C ALA B 23 -2.34 13.43 -33.61
N ASP B 24 -2.55 12.20 -34.07
CA ASP B 24 -2.66 11.95 -35.51
C ASP B 24 -4.11 12.05 -35.97
N ARG B 25 -4.96 12.60 -35.11
CA ARG B 25 -6.37 12.81 -35.46
C ARG B 25 -6.80 14.27 -35.28
N PRO B 26 -6.18 15.20 -36.02
CA PRO B 26 -6.47 16.63 -35.89
C PRO B 26 -7.93 17.03 -36.17
N GLU B 27 -8.69 16.19 -36.87
CA GLU B 27 -10.10 16.50 -37.16
C GLU B 27 -10.95 16.45 -35.88
N ARG B 28 -10.40 15.87 -34.82
CA ARG B 28 -11.13 15.71 -33.57
C ARG B 28 -10.64 16.65 -32.46
N PHE B 29 -9.60 17.43 -32.75
CA PHE B 29 -9.03 18.32 -31.73
C PHE B 29 -10.04 19.31 -31.18
N ALA B 30 -10.77 19.97 -32.09
CA ALA B 30 -11.75 20.97 -31.71
C ALA B 30 -12.89 20.36 -30.92
N LYS B 31 -13.35 19.19 -31.37
CA LYS B 31 -14.39 18.45 -30.65
C LYS B 31 -13.93 18.12 -29.23
N ALA B 32 -12.72 17.61 -29.11
CA ALA B 32 -12.16 17.28 -27.81
C ALA B 32 -12.07 18.52 -26.90
N ALA B 33 -11.57 19.64 -27.45
CA ALA B 33 -11.47 20.89 -26.72
C ALA B 33 -12.82 21.38 -26.22
N ALA B 34 -13.86 21.13 -27.01
CA ALA B 34 -15.21 21.57 -26.68
C ALA B 34 -15.83 20.70 -25.59
N ALA B 35 -15.59 19.40 -25.67
CA ALA B 35 -16.18 18.43 -24.76
C ALA B 35 -15.54 18.44 -23.37
N ALA B 36 -14.28 18.82 -23.30
CA ALA B 36 -13.48 18.55 -22.11
C ALA B 36 -13.02 19.84 -21.43
N ASP B 37 -12.53 19.72 -20.19
CA ASP B 37 -11.97 20.88 -19.49
C ASP B 37 -10.52 21.10 -19.96
N VAL B 38 -9.82 19.99 -20.15
CA VAL B 38 -8.44 20.02 -20.61
C VAL B 38 -8.26 18.86 -21.58
N VAL B 39 -7.61 19.13 -22.72
CA VAL B 39 -7.29 18.08 -23.68
C VAL B 39 -5.82 17.64 -23.55
N ILE B 40 -5.59 16.33 -23.53
CA ILE B 40 -4.25 15.80 -23.64
C ILE B 40 -4.03 15.23 -25.04
N LEU B 41 -3.27 15.97 -25.85
CA LEU B 41 -2.89 15.53 -27.19
C LEU B 41 -1.77 14.50 -27.06
N ASP B 42 -1.99 13.30 -27.60
CA ASP B 42 -1.10 12.18 -27.33
C ASP B 42 -0.16 11.87 -28.49
N LEU B 43 1.15 11.92 -28.22
CA LEU B 43 2.15 11.49 -29.20
C LEU B 43 2.68 10.10 -28.87
N GLU B 44 2.27 9.56 -27.72
CA GLU B 44 2.79 8.26 -27.27
C GLU B 44 1.92 7.08 -27.70
N ASP B 45 1.48 6.26 -26.76
CA ASP B 45 0.83 4.97 -27.11
C ASP B 45 -0.47 5.05 -27.91
N GLY B 46 -1.15 6.19 -27.91
CA GLY B 46 -2.33 6.40 -28.73
C GLY B 46 -2.01 6.40 -30.23
N VAL B 47 -0.74 6.63 -30.56
CA VAL B 47 -0.34 6.75 -31.97
C VAL B 47 0.73 5.72 -32.33
N ALA B 48 0.51 5.01 -33.44
CA ALA B 48 1.50 4.02 -33.89
C ALA B 48 2.80 4.67 -34.33
N GLU B 49 3.91 3.95 -34.21
CA GLU B 49 5.22 4.50 -34.57
C GLU B 49 5.19 5.18 -35.93
N ALA B 50 4.66 4.49 -36.94
CA ALA B 50 4.67 4.98 -38.31
C ALA B 50 3.84 6.24 -38.48
N GLN B 51 2.98 6.51 -37.51
CA GLN B 51 2.08 7.66 -37.59
C GLN B 51 2.53 8.82 -36.73
N LYS B 52 3.58 8.61 -35.92
CA LYS B 52 4.09 9.69 -35.05
C LYS B 52 4.54 10.95 -35.79
N PRO B 53 5.28 10.79 -36.89
CA PRO B 53 5.73 12.01 -37.59
C PRO B 53 4.53 12.85 -38.06
N ALA B 54 3.50 12.20 -38.60
CA ALA B 54 2.28 12.89 -38.99
C ALA B 54 1.56 13.54 -37.79
N ALA B 55 1.57 12.84 -36.65
CA ALA B 55 0.92 13.39 -35.46
C ALA B 55 1.62 14.68 -35.02
N ARG B 56 2.94 14.68 -35.06
CA ARG B 56 3.75 15.86 -34.72
C ARG B 56 3.47 17.04 -35.66
N ASN B 57 3.37 16.76 -36.95
CA ASN B 57 2.94 17.76 -37.92
C ASN B 57 1.59 18.35 -37.56
N ALA B 58 0.65 17.48 -37.17
CA ALA B 58 -0.70 17.92 -36.85
C ALA B 58 -0.74 18.82 -35.61
N LEU B 59 0.09 18.49 -34.62
CA LEU B 59 0.25 19.31 -33.43
C LEU B 59 0.54 20.75 -33.82
N ARG B 60 1.62 20.93 -34.58
CA ARG B 60 2.02 22.25 -35.09
C ARG B 60 0.93 22.91 -35.92
N ASP B 61 0.23 22.12 -36.72
CA ASP B 61 -0.66 22.68 -37.74
C ASP B 61 -2.09 22.93 -37.27
N THR B 62 -2.43 22.42 -36.09
CA THR B 62 -3.78 22.56 -35.56
C THR B 62 -3.77 22.88 -34.06
N PRO B 63 -3.39 24.12 -33.72
CA PRO B 63 -3.21 24.53 -32.31
C PRO B 63 -4.51 24.57 -31.54
N LEU B 64 -4.45 24.10 -30.30
CA LEU B 64 -5.50 24.32 -29.31
C LEU B 64 -5.00 25.39 -28.35
N ASP B 65 -5.90 25.88 -27.50
CA ASP B 65 -5.52 26.83 -26.46
C ASP B 65 -4.51 26.19 -25.49
N PRO B 66 -3.29 26.75 -25.42
CA PRO B 66 -2.20 26.18 -24.63
C PRO B 66 -2.48 26.26 -23.12
N GLU B 67 -3.49 27.03 -22.73
CA GLU B 67 -3.86 27.12 -21.33
C GLU B 67 -4.77 25.96 -20.92
N ARG B 68 -5.26 25.21 -21.90
CA ARG B 68 -6.16 24.08 -21.63
C ARG B 68 -5.78 22.80 -22.41
N THR B 69 -4.51 22.68 -22.74
CA THR B 69 -4.05 21.55 -23.55
C THR B 69 -2.68 21.11 -23.02
N VAL B 70 -2.53 19.81 -22.78
CA VAL B 70 -1.27 19.21 -22.37
C VAL B 70 -0.88 18.29 -23.50
N VAL B 71 0.42 18.04 -23.68
CA VAL B 71 0.87 17.11 -24.70
C VAL B 71 1.60 15.94 -24.05
N ARG B 72 1.08 14.73 -24.21
CA ARG B 72 1.83 13.56 -23.76
C ARG B 72 2.92 13.18 -24.76
N ILE B 73 4.17 13.33 -24.33
CA ILE B 73 5.32 13.05 -25.18
C ILE B 73 5.76 11.61 -24.94
N ASN B 74 6.87 11.21 -25.54
CA ASN B 74 7.39 9.87 -25.34
C ASN B 74 8.33 9.76 -24.14
N ALA B 75 8.64 8.53 -23.75
CA ALA B 75 9.41 8.27 -22.54
C ALA B 75 10.84 8.80 -22.63
N GLY B 76 11.45 9.07 -21.48
CA GLY B 76 12.80 9.57 -21.41
C GLY B 76 13.80 8.65 -22.09
N GLY B 77 14.77 9.25 -22.78
CA GLY B 77 15.84 8.48 -23.38
C GLY B 77 15.48 7.82 -24.71
N THR B 78 14.26 8.03 -25.18
CA THR B 78 13.85 7.43 -26.45
C THR B 78 14.07 8.40 -27.59
N ALA B 79 14.27 7.88 -28.80
CA ALA B 79 14.43 8.72 -29.97
C ALA B 79 13.18 9.56 -30.19
N ASP B 80 12.02 8.97 -29.91
CA ASP B 80 10.74 9.65 -30.10
C ASP B 80 10.61 10.91 -29.25
N GLN B 81 11.02 10.83 -27.99
CA GLN B 81 10.90 12.01 -27.15
C GLN B 81 11.69 13.17 -27.77
N ALA B 82 12.88 12.86 -28.28
CA ALA B 82 13.71 13.88 -28.89
C ALA B 82 12.95 14.54 -30.06
N ARG B 83 12.41 13.74 -30.96
CA ARG B 83 11.62 14.24 -32.06
C ARG B 83 10.39 15.02 -31.58
N ASP B 84 9.75 14.53 -30.51
CA ASP B 84 8.63 15.24 -29.87
C ASP B 84 9.01 16.64 -29.40
N LEU B 85 10.14 16.76 -28.75
CA LEU B 85 10.54 18.06 -28.21
C LEU B 85 10.92 19.02 -29.33
N GLU B 86 11.44 18.47 -30.42
CA GLU B 86 11.74 19.27 -31.61
C GLU B 86 10.46 19.84 -32.20
N ALA B 87 9.43 19.00 -32.29
CA ALA B 87 8.15 19.43 -32.85
C ALA B 87 7.49 20.46 -31.94
N LEU B 88 7.57 20.23 -30.63
CA LEU B 88 6.97 21.14 -29.67
C LEU B 88 7.61 22.53 -29.67
N ALA B 89 8.85 22.61 -30.16
CA ALA B 89 9.54 23.90 -30.23
C ALA B 89 8.81 24.86 -31.16
N GLY B 90 7.95 24.31 -32.01
CA GLY B 90 7.18 25.11 -32.94
C GLY B 90 5.73 25.27 -32.53
N THR B 91 5.47 25.15 -31.24
CA THR B 91 4.12 25.29 -30.71
C THR B 91 4.20 26.15 -29.48
N ALA B 92 3.04 26.57 -28.98
CA ALA B 92 2.99 27.39 -27.77
C ALA B 92 2.67 26.55 -26.54
N TYR B 93 2.80 25.22 -26.65
CA TYR B 93 2.47 24.33 -25.53
C TYR B 93 3.57 24.31 -24.47
N THR B 94 3.18 24.55 -23.22
CA THR B 94 4.15 24.63 -22.12
C THR B 94 4.04 23.52 -21.06
N THR B 95 3.02 22.68 -21.16
CA THR B 95 2.88 21.55 -20.23
C THR B 95 2.88 20.21 -20.99
N VAL B 96 3.75 19.30 -20.55
CA VAL B 96 3.82 17.96 -21.13
C VAL B 96 3.52 16.89 -20.09
N MET B 97 3.05 15.75 -20.57
CA MET B 97 2.88 14.57 -19.73
C MET B 97 3.96 13.58 -20.09
N LEU B 98 4.68 13.08 -19.09
CA LEU B 98 5.81 12.20 -19.33
C LEU B 98 5.44 10.77 -18.97
N PRO B 99 5.32 9.91 -19.99
CA PRO B 99 5.00 8.52 -19.68
C PRO B 99 6.21 7.72 -19.15
N LYS B 100 5.93 6.59 -18.53
CA LYS B 100 6.97 5.75 -17.90
C LYS B 100 7.91 6.59 -17.04
N ALA B 101 7.36 7.54 -16.30
CA ALA B 101 8.18 8.39 -15.44
C ALA B 101 8.83 7.56 -14.36
N GLU B 102 10.16 7.57 -14.32
CA GLU B 102 10.88 6.67 -13.45
C GLU B 102 11.95 7.30 -12.56
N SER B 103 12.22 8.59 -12.74
CA SER B 103 13.16 9.30 -11.87
C SER B 103 12.92 10.81 -11.89
N ALA B 104 13.44 11.51 -10.89
CA ALA B 104 13.42 12.97 -10.88
C ALA B 104 14.15 13.52 -12.09
N ALA B 105 15.28 12.93 -12.45
CA ALA B 105 16.07 13.40 -13.58
C ALA B 105 15.26 13.46 -14.88
N GLN B 106 14.38 12.48 -15.07
CA GLN B 106 13.57 12.45 -16.29
C GLN B 106 12.62 13.64 -16.38
N VAL B 107 12.14 14.10 -15.23
CA VAL B 107 11.28 15.27 -15.19
C VAL B 107 12.12 16.54 -15.33
N ILE B 108 13.24 16.59 -14.61
CA ILE B 108 14.09 17.79 -14.60
C ILE B 108 14.63 18.15 -15.99
N GLU B 109 14.95 17.14 -16.78
CA GLU B 109 15.46 17.42 -18.12
C GLU B 109 14.41 18.04 -19.05
N LEU B 110 13.16 18.13 -18.58
CA LEU B 110 12.09 18.69 -19.41
C LEU B 110 11.88 20.18 -19.15
N ALA B 111 12.59 20.71 -18.16
CA ALA B 111 12.64 22.15 -17.94
C ALA B 111 12.90 22.88 -19.26
N PRO B 112 12.22 24.03 -19.47
CA PRO B 112 11.47 24.78 -18.47
C PRO B 112 9.98 24.52 -18.54
N ARG B 113 9.58 23.49 -19.29
CA ARG B 113 8.17 23.12 -19.34
C ARG B 113 7.66 22.57 -17.99
N ASP B 114 6.36 22.70 -17.79
CA ASP B 114 5.69 22.07 -16.65
C ASP B 114 5.45 20.61 -17.00
N VAL B 115 5.53 19.74 -16.01
CA VAL B 115 5.44 18.31 -16.28
C VAL B 115 4.40 17.59 -15.41
N ILE B 116 3.55 16.81 -16.06
CA ILE B 116 2.70 15.87 -15.37
C ILE B 116 3.33 14.48 -15.52
N ALA B 117 3.78 13.93 -14.39
CA ALA B 117 4.46 12.64 -14.40
C ALA B 117 3.45 11.51 -14.37
N LEU B 118 3.48 10.67 -15.39
CA LEU B 118 2.61 9.51 -15.46
C LEU B 118 3.43 8.31 -14.99
N VAL B 119 3.18 7.89 -13.75
CA VAL B 119 3.84 6.71 -13.21
C VAL B 119 3.07 5.46 -13.58
N GLU B 120 3.74 4.55 -14.28
CA GLU B 120 3.03 3.38 -14.79
C GLU B 120 3.98 2.18 -14.90
N THR B 121 4.98 2.15 -14.03
CA THR B 121 5.90 1.03 -13.94
C THR B 121 6.30 0.85 -12.48
N ALA B 122 6.84 -0.32 -12.16
CA ALA B 122 7.26 -0.59 -10.79
C ALA B 122 8.33 0.39 -10.33
N ARG B 123 9.28 0.68 -11.21
CA ARG B 123 10.34 1.62 -10.87
C ARG B 123 9.78 3.01 -10.53
N GLY B 124 8.87 3.49 -11.37
CA GLY B 124 8.15 4.72 -11.09
C GLY B 124 7.42 4.73 -9.76
N ALA B 125 6.76 3.63 -9.40
CA ALA B 125 6.07 3.55 -8.11
C ALA B 125 7.07 3.62 -6.97
N VAL B 126 8.17 2.90 -7.13
CA VAL B 126 9.23 2.87 -6.12
C VAL B 126 9.83 4.27 -5.92
N CYS B 127 9.87 5.05 -7.00
CA CYS B 127 10.46 6.38 -6.96
C CYS B 127 9.45 7.52 -6.97
N ALA B 128 8.18 7.23 -6.68
CA ALA B 128 7.10 8.24 -6.82
C ALA B 128 7.37 9.56 -6.12
N ALA B 129 7.90 9.50 -4.90
CA ALA B 129 8.13 10.73 -4.13
C ALA B 129 9.27 11.60 -4.69
N GLU B 130 10.33 10.97 -5.22
CA GLU B 130 11.41 11.73 -5.85
C GLU B 130 10.88 12.41 -7.12
N ILE B 131 10.02 11.70 -7.85
CA ILE B 131 9.46 12.24 -9.09
C ILE B 131 8.55 13.42 -8.77
N ALA B 132 7.76 13.27 -7.71
CA ALA B 132 6.83 14.30 -7.26
C ALA B 132 7.56 15.55 -6.77
N ALA B 133 8.70 15.37 -6.10
CA ALA B 133 9.46 16.50 -5.56
C ALA B 133 10.24 17.28 -6.60
N ALA B 134 10.43 16.71 -7.79
CA ALA B 134 11.20 17.39 -8.83
C ALA B 134 10.56 18.73 -9.19
N ASP B 135 11.39 19.75 -9.39
CA ASP B 135 10.91 21.11 -9.62
C ASP B 135 9.85 21.31 -10.73
N PRO B 136 10.04 20.72 -11.92
CA PRO B 136 9.08 21.00 -12.99
C PRO B 136 7.73 20.29 -12.81
N THR B 137 7.67 19.32 -11.92
CA THR B 137 6.42 18.57 -11.75
C THR B 137 5.28 19.47 -11.25
N VAL B 138 4.16 19.44 -11.96
CA VAL B 138 2.96 20.12 -11.50
C VAL B 138 1.84 19.12 -11.17
N GLY B 139 1.97 17.89 -11.65
CA GLY B 139 1.00 16.84 -11.33
C GLY B 139 1.51 15.42 -11.46
N MET B 140 0.76 14.45 -10.92
CA MET B 140 1.10 13.03 -11.03
C MET B 140 -0.13 12.29 -11.50
N MET B 141 0.07 11.39 -12.46
CA MET B 141 -0.98 10.48 -12.89
C MET B 141 -0.47 9.06 -12.71
N TRP B 142 -1.35 8.08 -12.62
CA TRP B 142 -0.92 6.69 -12.64
C TRP B 142 -1.60 5.95 -13.79
N GLY B 143 -0.97 4.88 -14.26
CA GLY B 143 -1.51 4.10 -15.37
C GLY B 143 -1.47 2.63 -15.03
N ALA B 144 -2.64 1.98 -15.00
CA ALA B 144 -2.69 0.60 -14.56
C ALA B 144 -2.17 -0.38 -15.62
N GLU B 145 -2.31 -0.02 -16.89
CA GLU B 145 -2.10 -0.99 -17.97
C GLU B 145 -0.64 -1.19 -18.33
N ASP B 146 0.11 -0.12 -18.48
CA ASP B 146 1.56 -0.26 -18.58
C ASP B 146 2.12 -0.87 -17.30
N LEU B 147 1.57 -0.51 -16.15
CA LEU B 147 2.02 -1.10 -14.89
C LEU B 147 1.95 -2.62 -14.98
N ILE B 148 0.78 -3.16 -15.27
CA ILE B 148 0.64 -4.61 -15.33
C ILE B 148 1.51 -5.20 -16.46
N ALA B 149 1.57 -4.50 -17.58
CA ALA B 149 2.37 -4.95 -18.72
C ALA B 149 3.85 -5.02 -18.35
N THR B 150 4.37 -4.00 -17.70
CA THR B 150 5.78 -3.99 -17.36
C THR B 150 6.14 -4.96 -16.23
N LEU B 151 5.17 -5.23 -15.35
CA LEU B 151 5.33 -6.27 -14.31
C LEU B 151 5.30 -7.68 -14.90
N GLY B 152 4.92 -7.82 -16.17
CA GLY B 152 4.81 -9.13 -16.80
C GLY B 152 3.48 -9.81 -16.53
N GLY B 153 2.49 -9.02 -16.11
CA GLY B 153 1.15 -9.52 -15.87
C GLY B 153 0.26 -9.48 -17.10
N SER B 154 -1.02 -9.81 -16.92
CA SER B 154 -1.90 -9.95 -18.06
C SER B 154 -3.25 -9.26 -17.92
N SER B 155 -3.59 -8.81 -16.70
CA SER B 155 -4.85 -8.07 -16.52
C SER B 155 -4.82 -7.19 -15.26
N SER B 156 -5.31 -5.96 -15.40
CA SER B 156 -5.27 -5.01 -14.30
C SER B 156 -6.47 -5.14 -13.37
N ARG B 157 -7.48 -5.88 -13.79
CA ARG B 157 -8.70 -6.03 -13.00
C ARG B 157 -9.10 -7.48 -12.79
N ARG B 158 -9.74 -7.74 -11.66
CA ARG B 158 -10.21 -9.09 -11.37
C ARG B 158 -11.56 -9.33 -12.05
N ALA B 159 -12.05 -10.56 -11.95
CA ALA B 159 -13.29 -10.94 -12.64
C ALA B 159 -14.44 -9.96 -12.40
N ASP B 160 -14.56 -9.47 -11.17
CA ASP B 160 -15.66 -8.60 -10.81
C ASP B 160 -15.45 -7.13 -11.21
N GLY B 161 -14.33 -6.84 -11.88
CA GLY B 161 -14.06 -5.50 -12.37
C GLY B 161 -13.18 -4.62 -11.48
N ALA B 162 -13.03 -4.98 -10.22
CA ALA B 162 -12.22 -4.20 -9.31
C ALA B 162 -10.74 -4.27 -9.72
N TYR B 163 -9.99 -3.20 -9.46
CA TYR B 163 -8.55 -3.23 -9.78
C TYR B 163 -7.88 -4.27 -8.92
N ARG B 164 -6.88 -4.96 -9.47
CA ARG B 164 -6.08 -5.87 -8.66
C ARG B 164 -5.26 -5.06 -7.63
N ASP B 165 -4.79 -5.75 -6.59
CA ASP B 165 -4.25 -5.07 -5.40
C ASP B 165 -3.09 -4.18 -5.77
N VAL B 166 -2.23 -4.66 -6.63
CA VAL B 166 -1.02 -3.89 -6.91
C VAL B 166 -1.36 -2.56 -7.60
N ALA B 167 -2.41 -2.56 -8.42
CA ALA B 167 -2.87 -1.34 -9.06
C ALA B 167 -3.49 -0.42 -8.00
N ARG B 168 -4.26 -0.99 -7.09
CA ARG B 168 -4.86 -0.20 -6.02
C ARG B 168 -3.77 0.41 -5.16
N HIS B 169 -2.68 -0.33 -5.00
CA HIS B 169 -1.54 0.10 -4.20
C HIS B 169 -0.83 1.28 -4.88
N VAL B 170 -0.62 1.16 -6.17
CA VAL B 170 0.09 2.22 -6.91
C VAL B 170 -0.76 3.49 -6.97
N ARG B 171 -2.07 3.34 -7.14
CA ARG B 171 -2.96 4.50 -7.13
C ARG B 171 -2.83 5.31 -5.85
N SER B 172 -2.90 4.65 -4.69
CA SER B 172 -2.68 5.33 -3.43
C SER B 172 -1.28 5.93 -3.34
N THR B 173 -0.29 5.20 -3.87
CA THR B 173 1.10 5.69 -3.80
C THR B 173 1.25 7.03 -4.51
N ILE B 174 0.63 7.12 -5.68
CA ILE B 174 0.69 8.32 -6.51
C ILE B 174 -0.09 9.47 -5.90
N LEU B 175 -1.26 9.17 -5.32
CA LEU B 175 -2.08 10.19 -4.70
C LEU B 175 -1.34 10.84 -3.53
N LEU B 176 -0.65 10.03 -2.74
CA LEU B 176 0.12 10.55 -1.60
C LEU B 176 1.40 11.28 -2.04
N ALA B 177 2.09 10.74 -3.03
CA ALA B 177 3.30 11.38 -3.56
C ALA B 177 2.96 12.76 -4.09
N ALA B 178 1.92 12.84 -4.91
CA ALA B 178 1.47 14.12 -5.47
C ALA B 178 1.09 15.09 -4.36
N SER B 179 0.26 14.63 -3.44
CA SER B 179 -0.22 15.50 -2.37
C SER B 179 0.90 15.97 -1.43
N ALA B 180 1.90 15.13 -1.19
CA ALA B 180 2.98 15.46 -0.27
C ALA B 180 3.82 16.64 -0.79
N PHE B 181 3.77 16.85 -2.11
CA PHE B 181 4.56 17.91 -2.72
C PHE B 181 3.69 18.94 -3.43
N GLY B 182 2.41 18.95 -3.07
CA GLY B 182 1.47 19.93 -3.56
C GLY B 182 1.18 19.91 -5.04
N ARG B 183 1.24 18.72 -5.64
CA ARG B 183 1.00 18.57 -7.08
C ARG B 183 -0.44 18.14 -7.32
N LEU B 184 -0.93 18.38 -8.52
CA LEU B 184 -2.21 17.83 -8.97
C LEU B 184 -2.09 16.31 -9.00
N ALA B 185 -3.19 15.64 -8.63
CA ALA B 185 -3.30 14.20 -8.71
C ALA B 185 -4.36 13.82 -9.77
N LEU B 186 -3.98 12.97 -10.72
CA LEU B 186 -4.86 12.55 -11.83
C LEU B 186 -5.12 11.05 -11.76
N ASP B 187 -6.39 10.67 -11.78
CA ASP B 187 -6.75 9.26 -11.65
C ASP B 187 -6.73 8.57 -13.03
N ALA B 188 -6.52 7.26 -13.02
CA ALA B 188 -6.38 6.45 -14.24
C ALA B 188 -7.58 6.45 -15.17
N VAL B 189 -7.34 6.13 -16.43
CA VAL B 189 -8.43 6.12 -17.38
C VAL B 189 -9.36 4.92 -17.16
N HIS B 190 -10.60 5.05 -17.61
CA HIS B 190 -11.55 3.94 -17.57
C HIS B 190 -11.71 3.43 -19.02
N LEU B 191 -11.11 2.28 -19.29
CA LEU B 191 -11.02 1.72 -20.66
C LEU B 191 -12.32 1.15 -21.23
N ASP B 192 -13.25 0.77 -20.37
CA ASP B 192 -14.54 0.27 -20.80
C ASP B 192 -15.45 1.45 -21.11
N ILE B 193 -15.55 1.80 -22.38
CA ILE B 193 -16.18 3.05 -22.81
C ILE B 193 -17.65 3.19 -22.42
N LEU B 194 -18.42 2.11 -22.59
CA LEU B 194 -19.85 2.14 -22.34
C LEU B 194 -20.18 1.98 -20.86
N ASP B 195 -19.18 1.60 -20.08
CA ASP B 195 -19.37 1.35 -18.64
C ASP B 195 -19.40 2.66 -17.86
N VAL B 196 -20.48 3.41 -18.03
CA VAL B 196 -20.60 4.67 -17.32
C VAL B 196 -20.75 4.42 -15.81
N GLU B 197 -21.41 3.32 -15.47
CA GLU B 197 -21.59 2.94 -14.07
C GLU B 197 -20.24 2.77 -13.37
N GLY B 198 -19.34 2.01 -13.97
CA GLY B 198 -18.02 1.80 -13.38
C GLY B 198 -17.20 3.08 -13.31
N LEU B 199 -17.35 3.92 -14.33
CA LEU B 199 -16.66 5.20 -14.36
C LEU B 199 -17.19 6.11 -13.26
N GLN B 200 -18.51 6.13 -13.09
CA GLN B 200 -19.14 6.96 -12.06
C GLN B 200 -18.60 6.58 -10.68
N GLU B 201 -18.59 5.29 -10.37
CA GLU B 201 -18.06 4.80 -9.08
C GLU B 201 -16.61 5.20 -8.82
N GLU B 202 -15.78 5.08 -9.86
CA GLU B 202 -14.37 5.44 -9.75
C GLU B 202 -14.21 6.95 -9.54
N ALA B 203 -14.90 7.72 -10.36
CA ALA B 203 -14.81 9.18 -10.30
C ALA B 203 -15.29 9.71 -8.94
N ARG B 204 -16.38 9.15 -8.43
CA ARG B 204 -16.89 9.60 -7.13
C ARG B 204 -15.88 9.34 -6.03
N ASP B 205 -15.27 8.17 -6.08
CA ASP B 205 -14.29 7.79 -5.08
C ASP B 205 -13.05 8.66 -5.22
N ALA B 206 -12.58 8.86 -6.46
CA ALA B 206 -11.44 9.72 -6.71
C ALA B 206 -11.69 11.11 -6.12
N ALA B 207 -12.87 11.64 -6.41
CA ALA B 207 -13.25 12.95 -5.87
C ALA B 207 -13.24 12.95 -4.33
N ALA B 208 -13.77 11.89 -3.73
CA ALA B 208 -13.82 11.77 -2.26
C ALA B 208 -12.43 11.76 -1.63
N VAL B 209 -11.46 11.14 -2.29
CA VAL B 209 -10.12 11.03 -1.70
C VAL B 209 -9.15 12.14 -2.05
N GLY B 210 -9.52 13.07 -2.92
CA GLY B 210 -8.64 14.20 -3.18
C GLY B 210 -7.99 14.24 -4.54
N PHE B 211 -8.40 13.38 -5.46
CA PHE B 211 -7.88 13.48 -6.82
C PHE B 211 -8.46 14.75 -7.43
N ASP B 212 -7.69 15.41 -8.30
CA ASP B 212 -8.13 16.65 -8.95
C ASP B 212 -8.77 16.38 -10.29
N VAL B 213 -8.43 15.25 -10.87
CA VAL B 213 -8.83 14.96 -12.24
C VAL B 213 -9.05 13.47 -12.46
N THR B 214 -10.07 13.16 -13.25
CA THR B 214 -10.20 11.83 -13.83
C THR B 214 -9.95 11.96 -15.34
N VAL B 215 -8.89 11.31 -15.81
CA VAL B 215 -8.59 11.31 -17.23
C VAL B 215 -9.54 10.37 -17.97
N CYS B 216 -10.04 10.85 -19.10
CA CYS B 216 -11.04 10.13 -19.89
C CYS B 216 -10.44 9.77 -21.25
N ILE B 217 -11.01 8.77 -21.90
CA ILE B 217 -10.55 8.40 -23.24
C ILE B 217 -11.63 8.56 -24.33
N HIS B 218 -12.83 8.95 -23.93
CA HIS B 218 -13.93 9.23 -24.86
C HIS B 218 -14.73 10.45 -24.38
N PRO B 219 -15.17 11.32 -25.31
CA PRO B 219 -15.89 12.54 -24.91
C PRO B 219 -17.17 12.23 -24.14
N SER B 220 -17.78 11.07 -24.39
CA SER B 220 -19.00 10.71 -23.66
C SER B 220 -18.76 10.54 -22.15
N GLN B 221 -17.49 10.36 -21.77
CA GLN B 221 -17.13 10.18 -20.36
C GLN B 221 -17.07 11.48 -19.54
N ILE B 222 -16.83 12.61 -20.21
CA ILE B 222 -16.66 13.88 -19.52
C ILE B 222 -17.86 14.30 -18.63
N PRO B 223 -19.09 14.25 -19.17
CA PRO B 223 -20.25 14.60 -18.34
C PRO B 223 -20.39 13.70 -17.09
N VAL B 224 -20.10 12.42 -17.23
CA VAL B 224 -20.08 11.51 -16.08
C VAL B 224 -19.08 11.95 -15.01
N VAL B 225 -17.88 12.30 -15.45
CA VAL B 225 -16.83 12.74 -14.54
C VAL B 225 -17.18 14.05 -13.85
N ARG B 226 -17.64 15.04 -14.62
CA ARG B 226 -18.05 16.31 -14.04
C ARG B 226 -19.14 16.12 -12.99
N LYS B 227 -20.18 15.35 -13.32
CA LYS B 227 -21.24 15.04 -12.36
C LYS B 227 -20.67 14.35 -11.11
N ALA B 228 -19.73 13.44 -11.32
CA ALA B 228 -19.24 12.63 -10.21
C ALA B 228 -18.49 13.49 -9.21
N TYR B 229 -17.91 14.58 -9.71
CA TYR B 229 -17.13 15.48 -8.86
C TYR B 229 -18.01 16.50 -8.13
N ARG B 230 -19.31 16.48 -8.39
CA ARG B 230 -20.23 17.24 -7.57
C ARG B 230 -20.82 16.31 -6.53
N PRO B 231 -20.72 16.69 -5.25
CA PRO B 231 -21.25 15.84 -4.19
C PRO B 231 -22.78 15.66 -4.29
N SER B 232 -23.28 14.49 -3.92
CA SER B 232 -24.70 14.20 -4.03
C SER B 232 -25.52 15.14 -3.17
N HIS B 233 -26.81 15.23 -3.48
CA HIS B 233 -27.72 16.09 -2.73
C HIS B 233 -27.63 15.77 -1.24
N GLU B 234 -27.55 14.48 -0.93
CA GLU B 234 -27.54 14.02 0.47
C GLU B 234 -26.24 14.39 1.20
N LYS B 235 -25.13 14.37 0.48
CA LYS B 235 -23.84 14.82 1.01
C LYS B 235 -23.88 16.32 1.26
N LEU B 236 -24.43 17.06 0.29
CA LEU B 236 -24.50 18.52 0.40
C LEU B 236 -25.41 18.97 1.54
N ALA B 237 -26.52 18.27 1.72
CA ALA B 237 -27.42 18.58 2.82
C ALA B 237 -26.70 18.41 4.17
N TRP B 238 -25.92 17.34 4.29
CA TRP B 238 -25.17 17.09 5.52
C TRP B 238 -24.11 18.16 5.70
N ALA B 239 -23.36 18.44 4.65
CA ALA B 239 -22.33 19.47 4.72
C ALA B 239 -22.94 20.74 5.29
N ARG B 240 -24.09 21.15 4.75
CA ARG B 240 -24.80 22.35 5.20
C ARG B 240 -25.18 22.30 6.68
N ARG B 241 -25.79 21.19 7.07
CA ARG B 241 -26.23 20.98 8.45
C ARG B 241 -25.08 21.08 9.45
N VAL B 242 -24.01 20.33 9.20
CA VAL B 242 -22.90 20.24 10.14
C VAL B 242 -22.17 21.57 10.25
N LEU B 243 -22.01 22.28 9.14
CA LEU B 243 -21.32 23.57 9.15
C LEU B 243 -22.14 24.62 9.89
N ALA B 244 -23.47 24.50 9.81
CA ALA B 244 -24.35 25.43 10.50
C ALA B 244 -24.29 25.17 12.00
N ALA B 245 -24.43 23.90 12.39
CA ALA B 245 -24.30 23.51 13.79
C ALA B 245 -22.93 23.91 14.36
N SER B 246 -21.90 23.84 13.53
CA SER B 246 -20.55 24.16 13.97
C SER B 246 -20.39 25.63 14.34
N ARG B 247 -21.28 26.48 13.81
CA ARG B 247 -21.26 27.91 14.08
C ARG B 247 -21.69 28.18 15.52
N SER B 248 -22.33 27.21 16.15
CA SER B 248 -22.78 27.33 17.54
C SER B 248 -21.96 26.50 18.55
N GLU B 249 -20.88 25.87 18.09
CA GLU B 249 -20.10 24.96 18.94
C GLU B 249 -18.67 25.45 19.21
N ARG B 250 -18.07 24.92 20.26
CA ARG B 250 -16.68 25.24 20.60
C ARG B 250 -15.84 23.98 20.74
N GLY B 251 -15.12 23.62 19.69
CA GLY B 251 -14.29 22.43 19.70
C GLY B 251 -15.06 21.21 19.22
N ALA B 252 -14.59 20.02 19.58
CA ALA B 252 -15.24 18.77 19.18
C ALA B 252 -16.65 18.68 19.72
N PHE B 253 -17.56 18.22 18.87
CA PHE B 253 -18.93 18.01 19.27
C PHE B 253 -19.52 16.84 18.51
N ALA B 254 -20.58 16.27 19.08
CA ALA B 254 -21.30 15.19 18.46
C ALA B 254 -22.42 15.76 17.59
N PHE B 255 -22.51 15.28 16.36
CA PHE B 255 -23.56 15.70 15.45
C PHE B 255 -24.11 14.46 14.76
N GLU B 256 -25.42 14.26 14.86
CA GLU B 256 -26.07 13.09 14.29
C GLU B 256 -25.30 11.82 14.61
N GLY B 257 -24.86 11.72 15.86
CA GLY B 257 -24.21 10.52 16.35
C GLY B 257 -22.73 10.41 16.03
N GLN B 258 -22.16 11.42 15.38
CA GLN B 258 -20.76 11.38 14.97
C GLN B 258 -19.91 12.41 15.71
N MET B 259 -18.68 12.03 16.07
CA MET B 259 -17.76 13.00 16.63
C MET B 259 -17.25 13.87 15.48
N VAL B 260 -17.47 15.18 15.62
CA VAL B 260 -17.08 16.15 14.58
C VAL B 260 -16.07 17.16 15.12
N ASP B 261 -14.98 17.35 14.39
CA ASP B 261 -14.13 18.50 14.62
C ASP B 261 -13.46 18.98 13.34
N SER B 262 -12.39 19.74 13.50
CA SER B 262 -11.77 20.47 12.40
C SER B 262 -11.73 19.76 11.02
N PRO B 263 -11.06 18.58 10.93
CA PRO B 263 -10.95 17.97 9.59
C PRO B 263 -12.30 17.52 8.99
N VAL B 264 -13.23 17.11 9.83
CA VAL B 264 -14.58 16.79 9.36
C VAL B 264 -15.29 18.04 8.80
N LEU B 265 -15.13 19.18 9.46
CA LEU B 265 -15.71 20.42 8.97
C LEU B 265 -15.05 20.80 7.65
N THR B 266 -13.75 20.54 7.54
CA THR B 266 -13.06 20.75 6.28
C THR B 266 -13.63 19.89 5.16
N HIS B 267 -13.97 18.63 5.43
CA HIS B 267 -14.64 17.82 4.40
C HIS B 267 -15.94 18.46 3.91
N ALA B 268 -16.74 18.97 4.84
CA ALA B 268 -17.99 19.63 4.52
C ALA B 268 -17.79 20.87 3.66
N GLU B 269 -16.77 21.65 4.02
CA GLU B 269 -16.42 22.84 3.28
C GLU B 269 -15.99 22.47 1.87
N THR B 270 -15.18 21.41 1.77
CA THR B 270 -14.70 20.95 0.47
C THR B 270 -15.86 20.51 -0.41
N MET B 271 -16.84 19.83 0.18
CA MET B 271 -18.02 19.45 -0.58
C MET B 271 -18.75 20.66 -1.17
N LEU B 272 -18.97 21.67 -0.35
CA LEU B 272 -19.70 22.85 -0.78
C LEU B 272 -18.91 23.67 -1.78
N ARG B 273 -17.59 23.73 -1.59
CA ARG B 273 -16.70 24.31 -2.59
C ARG B 273 -16.85 23.63 -3.96
N ARG B 274 -16.85 22.29 -3.99
CA ARG B 274 -17.00 21.57 -5.25
C ARG B 274 -18.36 21.84 -5.89
N ALA B 275 -19.40 21.95 -5.07
CA ALA B 275 -20.74 22.28 -5.56
C ALA B 275 -20.78 23.69 -6.15
N GLY B 276 -20.05 24.59 -5.52
CA GLY B 276 -20.01 25.97 -5.97
C GLY B 276 -19.20 26.15 -7.25
N GLU B 277 -18.15 25.36 -7.39
CA GLU B 277 -17.27 25.51 -8.54
C GLU B 277 -17.41 24.33 -9.51
N ASN C 10 6.06 3.44 30.68
CA ASN C 10 5.82 2.10 30.19
C ASN C 10 4.38 1.96 29.69
N LEU C 11 4.03 2.86 28.77
CA LEU C 11 2.74 2.84 28.08
C LEU C 11 2.59 1.49 27.42
N ARG C 12 3.74 0.91 27.09
CA ARG C 12 3.79 -0.43 26.51
C ARG C 12 3.04 -1.41 27.42
N ALA C 13 3.05 -1.16 28.72
CA ALA C 13 2.44 -2.07 29.69
C ALA C 13 0.99 -1.75 30.04
N ALA C 14 0.46 -0.64 29.53
CA ALA C 14 -0.93 -0.28 29.79
C ALA C 14 -1.83 -0.98 28.78
N GLY C 15 -3.12 -1.13 29.11
CA GLY C 15 -4.06 -1.76 28.21
C GLY C 15 -4.17 -1.11 26.83
N PRO C 16 -5.02 -1.68 25.96
CA PRO C 16 -5.17 -1.18 24.59
C PRO C 16 -6.18 -0.05 24.45
N GLY C 17 -6.95 0.22 25.49
CA GLY C 17 -8.00 1.23 25.41
C GLY C 17 -7.54 2.63 25.75
N TRP C 18 -7.19 3.42 24.72
CA TRP C 18 -6.81 4.81 24.95
C TRP C 18 -7.93 5.78 24.59
N LEU C 19 -8.05 6.86 25.35
CA LEU C 19 -9.19 7.75 25.24
C LEU C 19 -8.79 9.21 25.17
N PHE C 20 -9.13 9.85 24.04
CA PHE C 20 -8.97 11.30 23.92
C PHE C 20 -9.92 12.00 24.87
N CYS C 21 -9.49 13.12 25.44
CA CYS C 21 -10.38 14.01 26.18
C CYS C 21 -9.89 15.43 25.96
N PRO C 22 -10.76 16.32 25.47
CA PRO C 22 -10.35 17.72 25.27
C PRO C 22 -9.84 18.36 26.56
N ALA C 23 -8.73 19.09 26.46
CA ALA C 23 -8.10 19.69 27.63
C ALA C 23 -8.93 20.83 28.22
N ASP C 24 -9.92 21.33 27.48
CA ASP C 24 -10.74 22.42 28.01
C ASP C 24 -11.99 21.86 28.70
N ARG C 25 -11.98 20.55 28.92
CA ARG C 25 -13.03 19.89 29.70
C ARG C 25 -12.52 19.17 30.96
N PRO C 26 -11.93 19.92 31.90
CA PRO C 26 -11.25 19.31 33.06
C PRO C 26 -12.19 18.53 33.98
N GLU C 27 -13.49 18.82 33.92
CA GLU C 27 -14.46 18.10 34.75
C GLU C 27 -14.66 16.66 34.27
N ARG C 28 -14.05 16.32 33.13
CA ARG C 28 -14.13 14.98 32.56
C ARG C 28 -12.82 14.21 32.67
N PHE C 29 -11.76 14.87 33.14
CA PHE C 29 -10.44 14.22 33.21
C PHE C 29 -10.46 12.95 34.06
N ALA C 30 -10.99 13.05 35.28
CA ALA C 30 -10.99 11.93 36.21
C ALA C 30 -11.86 10.79 35.69
N LYS C 31 -12.99 11.14 35.10
CA LYS C 31 -13.87 10.14 34.48
C LYS C 31 -13.10 9.39 33.39
N ALA C 32 -12.44 10.14 32.51
CA ALA C 32 -11.65 9.56 31.43
C ALA C 32 -10.54 8.64 31.95
N ALA C 33 -9.83 9.10 32.98
CA ALA C 33 -8.78 8.31 33.59
C ALA C 33 -9.30 7.00 34.21
N ALA C 34 -10.51 7.03 34.78
CA ALA C 34 -11.11 5.84 35.37
C ALA C 34 -11.52 4.81 34.32
N ALA C 35 -12.06 5.28 33.20
CA ALA C 35 -12.61 4.41 32.17
C ALA C 35 -11.54 3.80 31.27
N ALA C 36 -10.45 4.51 31.06
CA ALA C 36 -9.50 4.14 29.99
C ALA C 36 -8.16 3.63 30.53
N ASP C 37 -7.38 2.97 29.68
CA ASP C 37 -6.05 2.51 30.08
C ASP C 37 -5.06 3.67 30.09
N VAL C 38 -5.15 4.50 29.05
CA VAL C 38 -4.34 5.70 28.95
C VAL C 38 -5.25 6.81 28.45
N VAL C 39 -5.08 8.00 29.01
CA VAL C 39 -5.80 9.17 28.57
C VAL C 39 -4.91 10.07 27.72
N ILE C 40 -5.44 10.53 26.59
CA ILE C 40 -4.78 11.56 25.79
C ILE C 40 -5.51 12.87 26.00
N LEU C 41 -4.92 13.76 26.80
CA LEU C 41 -5.47 15.10 26.98
C LEU C 41 -5.12 15.93 25.75
N ASP C 42 -6.13 16.51 25.11
CA ASP C 42 -5.97 17.09 23.78
C ASP C 42 -5.93 18.62 23.79
N LEU C 43 -4.83 19.18 23.32
CA LEU C 43 -4.71 20.63 23.15
C LEU C 43 -4.94 21.04 21.69
N GLU C 44 -5.06 20.05 20.80
CA GLU C 44 -5.22 20.33 19.37
C GLU C 44 -6.67 20.37 18.89
N ASP C 45 -7.00 19.59 17.86
CA ASP C 45 -8.31 19.77 17.18
C ASP C 45 -9.55 19.57 18.05
N GLY C 46 -9.39 18.92 19.20
CA GLY C 46 -10.52 18.75 20.10
C GLY C 46 -10.91 20.06 20.76
N VAL C 47 -10.00 21.03 20.76
CA VAL C 47 -10.20 22.34 21.38
C VAL C 47 -10.10 23.52 20.40
N ALA C 48 -11.12 24.39 20.40
CA ALA C 48 -11.13 25.56 19.53
C ALA C 48 -10.02 26.52 19.90
N GLU C 49 -9.50 27.23 18.90
CA GLU C 49 -8.40 28.17 19.12
C GLU C 49 -8.65 29.14 20.27
N ALA C 50 -9.90 29.61 20.37
CA ALA C 50 -10.24 30.61 21.39
C ALA C 50 -10.19 30.01 22.79
N GLN C 51 -10.35 28.68 22.87
CA GLN C 51 -10.37 27.97 24.15
C GLN C 51 -9.03 27.35 24.55
N LYS C 52 -8.03 27.41 23.68
CA LYS C 52 -6.76 26.76 23.97
C LYS C 52 -6.06 27.31 25.22
N PRO C 53 -6.12 28.63 25.43
CA PRO C 53 -5.43 29.10 26.64
C PRO C 53 -6.06 28.53 27.91
N ALA C 54 -7.39 28.46 27.95
CA ALA C 54 -8.10 27.89 29.08
C ALA C 54 -7.84 26.39 29.21
N ALA C 55 -7.66 25.73 28.07
CA ALA C 55 -7.29 24.32 28.09
C ALA C 55 -5.90 24.14 28.69
N ARG C 56 -4.99 25.03 28.34
CA ARG C 56 -3.63 25.00 28.90
C ARG C 56 -3.63 25.19 30.41
N ASN C 57 -4.41 26.16 30.89
CA ASN C 57 -4.60 26.34 32.32
C ASN C 57 -5.17 25.08 32.99
N ALA C 58 -6.12 24.45 32.32
CA ALA C 58 -6.76 23.24 32.86
C ALA C 58 -5.74 22.12 33.03
N LEU C 59 -4.86 21.98 32.03
CA LEU C 59 -3.77 20.99 32.07
C LEU C 59 -2.91 21.11 33.32
N ARG C 60 -2.57 22.34 33.69
CA ARG C 60 -1.79 22.60 34.89
C ARG C 60 -2.57 22.38 36.18
N ASP C 61 -3.87 22.68 36.16
CA ASP C 61 -4.69 22.73 37.37
C ASP C 61 -5.35 21.40 37.76
N THR C 62 -5.47 20.48 36.80
CA THR C 62 -6.10 19.19 37.07
C THR C 62 -5.23 18.05 36.58
N PRO C 63 -4.21 17.71 37.38
CA PRO C 63 -3.22 16.71 36.96
C PRO C 63 -3.77 15.28 36.96
N LEU C 64 -3.34 14.49 35.98
CA LEU C 64 -3.63 13.07 35.91
C LEU C 64 -2.31 12.32 36.09
N ASP C 65 -2.39 11.03 36.36
CA ASP C 65 -1.20 10.22 36.55
C ASP C 65 -0.34 10.22 35.27
N PRO C 66 0.87 10.81 35.35
CA PRO C 66 1.69 10.98 34.15
C PRO C 66 2.18 9.66 33.58
N GLU C 67 2.07 8.57 34.34
CA GLU C 67 2.47 7.27 33.81
C GLU C 67 1.39 6.68 32.90
N ARG C 68 0.21 7.29 32.88
CA ARG C 68 -0.91 6.82 32.06
C ARG C 68 -1.62 7.95 31.30
N THR C 69 -0.88 9.02 31.02
CA THR C 69 -1.48 10.17 30.36
C THR C 69 -0.51 10.68 29.30
N VAL C 70 -1.04 11.02 28.14
CA VAL C 70 -0.27 11.62 27.06
C VAL C 70 -0.96 12.93 26.70
N VAL C 71 -0.20 13.92 26.27
CA VAL C 71 -0.80 15.18 25.87
C VAL C 71 -0.59 15.36 24.37
N ARG C 72 -1.68 15.49 23.64
CA ARG C 72 -1.55 15.86 22.23
C ARG C 72 -1.38 17.36 22.10
N ILE C 73 -0.19 17.76 21.63
CA ILE C 73 0.11 19.18 21.48
C ILE C 73 -0.25 19.60 20.06
N ASN C 74 0.04 20.85 19.71
CA ASN C 74 -0.20 21.35 18.37
C ASN C 74 0.94 21.04 17.40
N ALA C 75 0.67 21.21 16.11
CA ALA C 75 1.63 20.86 15.06
C ALA C 75 2.94 21.64 15.11
N GLY C 76 4.00 21.03 14.58
CA GLY C 76 5.30 21.65 14.56
C GLY C 76 5.25 22.98 13.83
N GLY C 77 6.04 23.93 14.32
CA GLY C 77 6.12 25.25 13.69
C GLY C 77 4.97 26.20 13.96
N THR C 78 3.98 25.80 14.77
CA THR C 78 2.87 26.69 15.08
C THR C 78 3.10 27.47 16.37
N ALA C 79 2.53 28.67 16.46
CA ALA C 79 2.59 29.44 17.69
C ALA C 79 1.91 28.67 18.82
N ASP C 80 0.84 27.94 18.50
CA ASP C 80 0.17 27.13 19.49
C ASP C 80 1.06 26.07 20.13
N GLN C 81 1.91 25.43 19.33
CA GLN C 81 2.80 24.45 19.92
C GLN C 81 3.79 25.08 20.90
N ALA C 82 4.26 26.29 20.58
CA ALA C 82 5.13 27.01 21.50
C ALA C 82 4.42 27.22 22.85
N ARG C 83 3.18 27.70 22.79
CA ARG C 83 2.40 27.92 24.01
C ARG C 83 2.15 26.63 24.78
N ASP C 84 1.85 25.55 24.05
CA ASP C 84 1.67 24.22 24.65
C ASP C 84 2.89 23.78 25.43
N LEU C 85 4.07 23.90 24.82
CA LEU C 85 5.30 23.48 25.48
C LEU C 85 5.60 24.33 26.71
N GLU C 86 5.30 25.64 26.64
CA GLU C 86 5.47 26.51 27.80
C GLU C 86 4.57 26.06 28.96
N ALA C 87 3.32 25.72 28.65
CA ALA C 87 2.38 25.25 29.65
C ALA C 87 2.79 23.88 30.19
N LEU C 88 3.33 23.06 29.29
CA LEU C 88 3.79 21.73 29.62
C LEU C 88 4.92 21.78 30.65
N ALA C 89 5.62 22.90 30.70
CA ALA C 89 6.72 23.07 31.64
C ALA C 89 6.25 23.05 33.10
N GLY C 90 4.97 23.36 33.30
CA GLY C 90 4.42 23.34 34.65
C GLY C 90 3.72 22.04 35.01
N THR C 91 4.06 20.96 34.31
CA THR C 91 3.42 19.67 34.55
C THR C 91 4.43 18.55 34.68
N ALA C 92 3.96 17.37 35.06
CA ALA C 92 4.79 16.19 35.17
C ALA C 92 4.74 15.34 33.91
N TYR C 93 4.05 15.82 32.88
CA TYR C 93 3.81 15.00 31.69
C TYR C 93 5.06 14.88 30.82
N THR C 94 5.41 13.64 30.47
CA THR C 94 6.66 13.41 29.73
C THR C 94 6.45 12.79 28.34
N THR C 95 5.21 12.46 28.01
CA THR C 95 4.88 11.90 26.71
C THR C 95 3.89 12.80 25.99
N VAL C 96 4.22 13.15 24.76
CA VAL C 96 3.37 14.03 23.96
C VAL C 96 3.00 13.35 22.65
N MET C 97 1.83 13.71 22.11
CA MET C 97 1.43 13.24 20.79
C MET C 97 1.54 14.40 19.81
N LEU C 98 2.26 14.19 18.71
CA LEU C 98 2.53 15.25 17.74
C LEU C 98 1.64 15.06 16.51
N PRO C 99 0.64 15.95 16.35
CA PRO C 99 -0.23 15.84 15.18
C PRO C 99 0.47 16.34 13.92
N LYS C 100 -0.01 15.86 12.77
CA LYS C 100 0.53 16.28 11.48
C LYS C 100 2.03 16.06 11.47
N ALA C 101 2.48 14.96 12.07
CA ALA C 101 3.90 14.65 12.07
C ALA C 101 4.39 14.46 10.64
N GLU C 102 5.39 15.24 10.24
CA GLU C 102 5.79 15.23 8.85
C GLU C 102 7.27 15.02 8.60
N SER C 103 8.09 15.06 9.66
CA SER C 103 9.53 14.86 9.55
C SER C 103 10.15 14.38 10.85
N ALA C 104 11.28 13.68 10.75
CA ALA C 104 12.05 13.30 11.93
C ALA C 104 12.39 14.53 12.78
N ALA C 105 12.72 15.64 12.12
CA ALA C 105 13.08 16.89 12.82
C ALA C 105 11.97 17.40 13.76
N GLN C 106 10.71 17.30 13.32
CA GLN C 106 9.58 17.72 14.16
C GLN C 106 9.49 16.91 15.44
N VAL C 107 9.88 15.63 15.38
CA VAL C 107 9.91 14.78 16.56
C VAL C 107 11.13 15.06 17.43
N ILE C 108 12.29 15.13 16.80
CA ILE C 108 13.54 15.35 17.52
C ILE C 108 13.53 16.65 18.33
N GLU C 109 12.92 17.70 17.79
CA GLU C 109 12.90 18.97 18.51
C GLU C 109 12.06 18.91 19.79
N LEU C 110 11.32 17.82 19.98
CA LEU C 110 10.53 17.66 21.21
C LEU C 110 11.28 16.96 22.36
N ALA C 111 12.52 16.54 22.10
CA ALA C 111 13.35 16.01 23.17
C ALA C 111 13.39 17.01 24.31
N PRO C 112 13.49 16.51 25.56
CA PRO C 112 13.71 15.11 25.91
C PRO C 112 12.44 14.31 26.17
N ARG C 113 11.29 14.82 25.76
CA ARG C 113 10.04 14.07 25.95
C ARG C 113 9.90 12.88 25.00
N ASP C 114 9.07 11.91 25.39
CA ASP C 114 8.73 10.79 24.53
C ASP C 114 7.65 11.27 23.58
N VAL C 115 7.68 10.79 22.34
CA VAL C 115 6.77 11.29 21.33
C VAL C 115 5.99 10.16 20.67
N ILE C 116 4.67 10.33 20.60
CA ILE C 116 3.86 9.50 19.74
C ILE C 116 3.54 10.34 18.51
N ALA C 117 4.03 9.89 17.36
CA ALA C 117 3.84 10.62 16.10
C ALA C 117 2.51 10.25 15.48
N LEU C 118 1.66 11.24 15.28
CA LEU C 118 0.39 11.06 14.60
C LEU C 118 0.56 11.47 13.14
N VAL C 119 0.63 10.47 12.26
CA VAL C 119 0.76 10.75 10.85
C VAL C 119 -0.62 10.84 10.24
N GLU C 120 -0.94 12.01 9.69
CA GLU C 120 -2.29 12.26 9.20
C GLU C 120 -2.26 13.18 7.99
N THR C 121 -1.15 13.13 7.26
CA THR C 121 -0.98 13.93 6.06
C THR C 121 -0.20 13.09 5.03
N ALA C 122 -0.31 13.45 3.74
CA ALA C 122 0.44 12.76 2.70
C ALA C 122 1.93 12.79 2.96
N ARG C 123 2.45 13.97 3.33
CA ARG C 123 3.89 14.10 3.62
C ARG C 123 4.30 13.18 4.77
N GLY C 124 3.48 13.14 5.82
CA GLY C 124 3.71 12.20 6.91
C GLY C 124 3.82 10.75 6.43
N ALA C 125 2.86 10.31 5.63
CA ALA C 125 2.89 8.94 5.12
C ALA C 125 4.18 8.67 4.34
N VAL C 126 4.52 9.60 3.46
CA VAL C 126 5.72 9.47 2.65
C VAL C 126 6.98 9.37 3.53
N CYS C 127 6.99 10.12 4.63
CA CYS C 127 8.14 10.13 5.52
C CYS C 127 7.97 9.24 6.76
N ALA C 128 6.99 8.33 6.73
CA ALA C 128 6.68 7.53 7.94
C ALA C 128 7.88 6.84 8.57
N ALA C 129 8.76 6.28 7.74
CA ALA C 129 9.83 5.48 8.29
C ALA C 129 10.84 6.38 8.98
N GLU C 130 11.03 7.58 8.45
CA GLU C 130 12.00 8.53 9.02
C GLU C 130 11.50 9.01 10.37
N ILE C 131 10.18 9.22 10.46
CA ILE C 131 9.54 9.68 11.67
C ILE C 131 9.63 8.58 12.74
N ALA C 132 9.39 7.33 12.33
CA ALA C 132 9.47 6.18 13.25
C ALA C 132 10.87 5.94 13.79
N ALA C 133 11.88 6.13 12.95
CA ALA C 133 13.27 5.97 13.38
C ALA C 133 13.83 7.07 14.28
N ALA C 134 13.18 8.22 14.33
CA ALA C 134 13.64 9.33 15.19
C ALA C 134 13.74 8.90 16.65
N ASP C 135 14.79 9.35 17.34
CA ASP C 135 15.10 8.89 18.70
C ASP C 135 13.99 9.02 19.75
N PRO C 136 13.31 10.18 19.81
CA PRO C 136 12.29 10.29 20.87
C PRO C 136 10.99 9.54 20.57
N THR C 137 10.84 8.98 19.37
CA THR C 137 9.59 8.32 19.00
C THR C 137 9.39 7.02 19.81
N VAL C 138 8.25 6.91 20.50
CA VAL C 138 7.90 5.67 21.19
C VAL C 138 6.65 5.01 20.58
N GLY C 139 5.95 5.76 19.74
CA GLY C 139 4.73 5.28 19.13
C GLY C 139 4.36 5.98 17.85
N MET C 140 3.55 5.33 17.03
CA MET C 140 3.02 5.93 15.79
C MET C 140 1.53 5.68 15.72
N MET C 141 0.78 6.71 15.37
CA MET C 141 -0.66 6.59 15.19
C MET C 141 -0.96 7.13 13.80
N TRP C 142 -2.07 6.72 13.21
CA TRP C 142 -2.50 7.36 11.96
C TRP C 142 -3.89 8.00 12.11
N GLY C 143 -4.13 9.02 11.30
CA GLY C 143 -5.36 9.80 11.38
C GLY C 143 -6.01 9.93 10.01
N ALA C 144 -7.18 9.33 9.85
CA ALA C 144 -7.84 9.26 8.54
C ALA C 144 -8.45 10.58 8.09
N GLU C 145 -8.95 11.36 9.05
CA GLU C 145 -9.74 12.54 8.71
C GLU C 145 -8.89 13.75 8.26
N ASP C 146 -7.84 14.06 9.01
CA ASP C 146 -6.89 15.07 8.55
C ASP C 146 -6.24 14.59 7.27
N LEU C 147 -6.00 13.29 7.16
CA LEU C 147 -5.45 12.76 5.92
C LEU C 147 -6.34 13.16 4.72
N ILE C 148 -7.63 12.81 4.76
CA ILE C 148 -8.53 13.14 3.65
C ILE C 148 -8.62 14.66 3.46
N ALA C 149 -8.76 15.37 4.57
CA ALA C 149 -8.90 16.82 4.52
C ALA C 149 -7.68 17.45 3.83
N THR C 150 -6.48 17.01 4.22
CA THR C 150 -5.27 17.57 3.64
C THR C 150 -5.07 17.13 2.18
N LEU C 151 -5.61 15.97 1.81
CA LEU C 151 -5.58 15.52 0.43
C LEU C 151 -6.51 16.34 -0.45
N GLY C 152 -7.46 17.04 0.18
CA GLY C 152 -8.51 17.75 -0.54
C GLY C 152 -9.75 16.92 -0.82
N GLY C 153 -9.86 15.79 -0.11
CA GLY C 153 -10.98 14.88 -0.30
C GLY C 153 -12.14 15.28 0.60
N SER C 154 -13.17 14.44 0.69
CA SER C 154 -14.36 14.84 1.43
C SER C 154 -14.97 13.71 2.24
N SER C 155 -14.44 12.50 2.08
CA SER C 155 -14.95 11.31 2.76
C SER C 155 -13.85 10.27 2.99
N SER C 156 -13.65 9.87 4.24
CA SER C 156 -12.68 8.81 4.55
C SER C 156 -13.22 7.39 4.31
N ARG C 157 -14.54 7.23 4.30
CA ARG C 157 -15.13 5.89 4.11
C ARG C 157 -16.12 5.83 2.95
N ARG C 158 -16.25 4.65 2.35
CA ARG C 158 -17.23 4.45 1.30
C ARG C 158 -18.63 4.20 1.88
N ALA C 159 -19.62 4.14 0.99
CA ALA C 159 -21.01 3.97 1.37
C ALA C 159 -21.27 2.86 2.40
N ASP C 160 -20.63 1.71 2.22
CA ASP C 160 -20.83 0.60 3.14
C ASP C 160 -20.01 0.72 4.44
N GLY C 161 -19.25 1.81 4.57
CA GLY C 161 -18.52 2.10 5.80
C GLY C 161 -17.06 1.72 5.85
N ALA C 162 -16.57 0.97 4.87
CA ALA C 162 -15.15 0.62 4.86
C ALA C 162 -14.32 1.87 4.55
N TYR C 163 -13.12 1.94 5.13
CA TYR C 163 -12.20 3.03 4.79
C TYR C 163 -11.86 2.99 3.30
N ARG C 164 -11.74 4.15 2.69
CA ARG C 164 -11.27 4.20 1.31
C ARG C 164 -9.83 3.69 1.20
N ASP C 165 -9.43 3.32 -0.02
CA ASP C 165 -8.12 2.71 -0.23
C ASP C 165 -6.93 3.49 0.34
N VAL C 166 -6.89 4.79 0.16
CA VAL C 166 -5.71 5.56 0.60
C VAL C 166 -5.55 5.55 2.12
N ALA C 167 -6.68 5.49 2.82
CA ALA C 167 -6.67 5.39 4.27
C ALA C 167 -6.17 4.00 4.70
N ARG C 168 -6.64 2.97 4.02
CA ARG C 168 -6.19 1.61 4.30
C ARG C 168 -4.68 1.49 4.05
N HIS C 169 -4.23 2.20 3.02
CA HIS C 169 -2.82 2.18 2.63
C HIS C 169 -1.97 2.83 3.71
N VAL C 170 -2.41 3.99 4.17
CA VAL C 170 -1.67 4.72 5.22
C VAL C 170 -1.69 3.96 6.55
N ARG C 171 -2.81 3.32 6.86
CA ARG C 171 -2.89 2.48 8.05
C ARG C 171 -1.76 1.44 8.07
N SER C 172 -1.65 0.68 6.98
CA SER C 172 -0.61 -0.32 6.85
C SER C 172 0.79 0.31 6.86
N THR C 173 0.93 1.45 6.19
CA THR C 173 2.22 2.15 6.21
C THR C 173 2.67 2.44 7.63
N ILE C 174 1.76 2.95 8.45
CA ILE C 174 2.07 3.31 9.84
C ILE C 174 2.38 2.09 10.73
N LEU C 175 1.60 1.03 10.56
CA LEU C 175 1.86 -0.19 11.31
C LEU C 175 3.27 -0.69 11.01
N LEU C 176 3.62 -0.77 9.73
CA LEU C 176 4.94 -1.24 9.33
C LEU C 176 6.07 -0.32 9.80
N ALA C 177 5.90 0.99 9.62
CA ALA C 177 6.95 1.93 10.05
C ALA C 177 7.20 1.79 11.56
N ALA C 178 6.12 1.75 12.34
CA ALA C 178 6.22 1.61 13.77
C ALA C 178 6.93 0.32 14.17
N SER C 179 6.48 -0.80 13.60
CA SER C 179 7.04 -2.10 13.96
C SER C 179 8.51 -2.27 13.53
N ALA C 180 8.90 -1.61 12.44
CA ALA C 180 10.26 -1.74 11.90
C ALA C 180 11.28 -1.11 12.85
N PHE C 181 10.79 -0.23 13.72
CA PHE C 181 11.66 0.47 14.65
C PHE C 181 11.22 0.27 16.09
N GLY C 182 10.37 -0.73 16.29
CA GLY C 182 10.03 -1.20 17.60
C GLY C 182 9.18 -0.22 18.40
N ARG C 183 8.34 0.53 17.70
CA ARG C 183 7.50 1.52 18.37
C ARG C 183 6.12 0.94 18.56
N LEU C 184 5.38 1.49 19.52
CA LEU C 184 3.96 1.21 19.64
C LEU C 184 3.25 1.65 18.37
N ALA C 185 2.23 0.87 17.98
CA ALA C 185 1.35 1.23 16.88
C ALA C 185 -0.07 1.46 17.40
N LEU C 186 -0.64 2.63 17.11
CA LEU C 186 -1.98 3.02 17.57
C LEU C 186 -2.93 3.15 16.38
N ASP C 187 -4.06 2.46 16.46
CA ASP C 187 -5.02 2.45 15.35
C ASP C 187 -5.98 3.64 15.49
N ALA C 188 -6.53 4.07 14.37
CA ALA C 188 -7.34 5.30 14.30
C ALA C 188 -8.65 5.25 15.07
N VAL C 189 -9.14 6.43 15.44
CA VAL C 189 -10.40 6.56 16.15
C VAL C 189 -11.64 6.14 15.34
N HIS C 190 -12.67 5.71 16.05
CA HIS C 190 -13.97 5.39 15.45
C HIS C 190 -14.97 6.50 15.78
N LEU C 191 -15.30 7.31 14.78
CA LEU C 191 -16.07 8.53 14.98
C LEU C 191 -17.57 8.32 15.16
N ASP C 192 -18.07 7.19 14.68
CA ASP C 192 -19.47 6.83 14.86
C ASP C 192 -19.63 6.22 16.25
N ILE C 193 -20.02 7.06 17.21
CA ILE C 193 -20.01 6.68 18.62
C ILE C 193 -20.90 5.48 18.94
N LEU C 194 -22.10 5.46 18.37
CA LEU C 194 -23.06 4.39 18.67
C LEU C 194 -22.78 3.14 17.85
N ASP C 195 -21.84 3.23 16.91
CA ASP C 195 -21.51 2.11 16.04
C ASP C 195 -20.55 1.13 16.69
N VAL C 196 -21.04 0.47 17.73
CA VAL C 196 -20.28 -0.53 18.47
C VAL C 196 -19.85 -1.67 17.55
N GLU C 197 -20.73 -2.04 16.64
CA GLU C 197 -20.45 -3.08 15.64
C GLU C 197 -19.19 -2.81 14.82
N GLY C 198 -19.10 -1.62 14.22
CA GLY C 198 -17.96 -1.27 13.38
C GLY C 198 -16.67 -1.15 14.16
N LEU C 199 -16.77 -0.60 15.37
CA LEU C 199 -15.63 -0.46 16.26
C LEU C 199 -15.07 -1.83 16.58
N GLN C 200 -15.96 -2.74 16.95
CA GLN C 200 -15.57 -4.12 17.25
C GLN C 200 -14.86 -4.78 16.08
N GLU C 201 -15.44 -4.68 14.89
CA GLU C 201 -14.79 -5.18 13.67
C GLU C 201 -13.38 -4.61 13.52
N GLU C 202 -13.25 -3.30 13.69
CA GLU C 202 -11.96 -2.64 13.48
C GLU C 202 -10.94 -3.09 14.51
N ALA C 203 -11.38 -3.18 15.75
CA ALA C 203 -10.48 -3.41 16.87
C ALA C 203 -9.97 -4.84 16.89
N ARG C 204 -10.83 -5.78 16.51
CA ARG C 204 -10.42 -7.18 16.39
C ARG C 204 -9.37 -7.32 15.30
N ASP C 205 -9.57 -6.64 14.18
CA ASP C 205 -8.58 -6.68 13.10
C ASP C 205 -7.27 -6.00 13.52
N ALA C 206 -7.38 -4.88 14.22
CA ALA C 206 -6.19 -4.20 14.72
C ALA C 206 -5.39 -5.14 15.60
N ALA C 207 -6.07 -5.78 16.56
CA ALA C 207 -5.40 -6.71 17.44
C ALA C 207 -4.73 -7.84 16.66
N ALA C 208 -5.41 -8.33 15.63
CA ALA C 208 -4.91 -9.48 14.88
C ALA C 208 -3.64 -9.17 14.06
N VAL C 209 -3.47 -7.91 13.65
CA VAL C 209 -2.30 -7.53 12.85
C VAL C 209 -1.17 -6.91 13.68
N GLY C 210 -1.42 -6.69 14.97
CA GLY C 210 -0.34 -6.27 15.84
C GLY C 210 -0.38 -4.85 16.37
N PHE C 211 -1.44 -4.10 16.09
CA PHE C 211 -1.60 -2.82 16.74
C PHE C 211 -1.61 -3.05 18.24
N ASP C 212 -1.09 -2.08 18.99
CA ASP C 212 -1.02 -2.20 20.45
C ASP C 212 -2.19 -1.50 21.11
N VAL C 213 -2.76 -0.56 20.38
CA VAL C 213 -3.78 0.32 20.94
C VAL C 213 -4.82 0.67 19.89
N THR C 214 -6.07 0.78 20.32
CA THR C 214 -7.12 1.38 19.49
C THR C 214 -7.60 2.64 20.22
N VAL C 215 -7.34 3.80 19.63
CA VAL C 215 -7.71 5.07 20.25
C VAL C 215 -9.21 5.33 20.15
N CYS C 216 -9.79 5.86 21.23
CA CYS C 216 -11.24 6.01 21.37
C CYS C 216 -11.59 7.46 21.59
N ILE C 217 -12.82 7.87 21.23
CA ILE C 217 -13.24 9.24 21.47
C ILE C 217 -14.39 9.34 22.48
N HIS C 218 -14.87 8.20 22.95
CA HIS C 218 -15.93 8.19 23.94
C HIS C 218 -15.69 7.04 24.93
N PRO C 219 -15.87 7.29 26.23
CA PRO C 219 -15.53 6.23 27.19
C PRO C 219 -16.35 4.96 26.99
N SER C 220 -17.52 5.06 26.36
CA SER C 220 -18.32 3.86 26.07
C SER C 220 -17.62 2.88 25.12
N GLN C 221 -16.57 3.35 24.46
CA GLN C 221 -15.86 2.55 23.47
C GLN C 221 -14.78 1.65 24.08
N ILE C 222 -14.30 2.04 25.23
CA ILE C 222 -13.20 1.34 25.89
C ILE C 222 -13.51 -0.15 26.11
N PRO C 223 -14.67 -0.47 26.71
CA PRO C 223 -15.00 -1.88 26.95
C PRO C 223 -15.02 -2.71 25.67
N VAL C 224 -15.47 -2.11 24.58
CA VAL C 224 -15.50 -2.79 23.29
C VAL C 224 -14.07 -3.11 22.80
N VAL C 225 -13.20 -2.12 22.89
CA VAL C 225 -11.79 -2.28 22.52
C VAL C 225 -11.10 -3.32 23.40
N ARG C 226 -11.28 -3.23 24.71
CA ARG C 226 -10.64 -4.20 25.57
C ARG C 226 -11.07 -5.63 25.24
N LYS C 227 -12.37 -5.84 25.01
CA LYS C 227 -12.88 -7.19 24.67
C LYS C 227 -12.36 -7.65 23.32
N ALA C 228 -12.32 -6.74 22.35
CA ALA C 228 -11.90 -7.08 21.00
C ALA C 228 -10.44 -7.53 20.98
N TYR C 229 -9.67 -7.06 21.96
CA TYR C 229 -8.24 -7.39 22.04
C TYR C 229 -7.91 -8.72 22.75
N ARG C 230 -8.93 -9.33 23.34
CA ARG C 230 -8.81 -10.69 23.83
C ARG C 230 -9.36 -11.61 22.74
N PRO C 231 -8.57 -12.63 22.37
CA PRO C 231 -9.04 -13.47 21.27
C PRO C 231 -10.32 -14.23 21.64
N SER C 232 -11.10 -14.58 20.62
CA SER C 232 -12.35 -15.31 20.84
C SER C 232 -12.09 -16.67 21.45
N HIS C 233 -13.13 -17.28 22.01
CA HIS C 233 -13.05 -18.64 22.51
C HIS C 233 -12.51 -19.62 21.47
N GLU C 234 -12.94 -19.43 20.21
CA GLU C 234 -12.57 -20.38 19.16
C GLU C 234 -11.08 -20.31 18.87
N LYS C 235 -10.55 -19.09 18.81
CA LYS C 235 -9.13 -18.88 18.58
C LYS C 235 -8.29 -19.45 19.72
N LEU C 236 -8.73 -19.26 20.97
CA LEU C 236 -7.95 -19.73 22.10
C LEU C 236 -7.90 -21.24 22.21
N ALA C 237 -9.02 -21.89 21.92
CA ALA C 237 -9.09 -23.35 21.89
C ALA C 237 -8.08 -23.90 20.89
N TRP C 238 -8.04 -23.30 19.72
CA TRP C 238 -7.06 -23.66 18.69
C TRP C 238 -5.62 -23.43 19.17
N ALA C 239 -5.36 -22.25 19.73
CA ALA C 239 -4.03 -21.93 20.23
C ALA C 239 -3.56 -23.00 21.18
N ARG C 240 -4.40 -23.34 22.14
CA ARG C 240 -4.09 -24.41 23.08
C ARG C 240 -3.81 -25.73 22.36
N ARG C 241 -4.68 -26.09 21.42
CA ARG C 241 -4.51 -27.33 20.66
C ARG C 241 -3.18 -27.41 19.90
N VAL C 242 -2.90 -26.40 19.08
CA VAL C 242 -1.66 -26.41 18.28
C VAL C 242 -0.42 -26.45 19.16
N LEU C 243 -0.41 -25.67 20.23
CA LEU C 243 0.74 -25.62 21.11
C LEU C 243 0.92 -26.95 21.86
N ALA C 244 -0.18 -27.58 22.25
CA ALA C 244 -0.13 -28.90 22.87
C ALA C 244 0.49 -29.86 21.87
N ALA C 245 -0.09 -29.89 20.67
CA ALA C 245 0.39 -30.76 19.60
C ALA C 245 1.86 -30.50 19.30
N SER C 246 2.27 -29.23 19.28
CA SER C 246 3.63 -28.86 18.91
C SER C 246 4.72 -29.44 19.83
N ARG C 247 4.36 -29.73 21.08
CA ARG C 247 5.33 -30.20 22.07
C ARG C 247 5.81 -31.62 21.76
N SER C 248 5.05 -32.32 20.93
CA SER C 248 5.43 -33.65 20.45
C SER C 248 5.80 -33.60 18.97
N GLU C 249 6.20 -32.43 18.49
CA GLU C 249 6.53 -32.25 17.09
C GLU C 249 7.97 -31.79 16.89
N ARG C 250 8.58 -32.22 15.79
CA ARG C 250 9.89 -31.74 15.39
C ARG C 250 9.82 -31.09 14.00
N GLY C 251 9.81 -29.76 13.97
CA GLY C 251 9.80 -29.02 12.73
C GLY C 251 8.39 -28.83 12.19
N ALA C 252 8.28 -28.53 10.91
CA ALA C 252 6.99 -28.35 10.28
C ALA C 252 6.14 -29.58 10.43
N PHE C 253 4.85 -29.38 10.69
CA PHE C 253 3.90 -30.48 10.74
C PHE C 253 2.52 -29.98 10.35
N ALA C 254 1.65 -30.92 9.99
CA ALA C 254 0.30 -30.57 9.61
C ALA C 254 -0.65 -30.71 10.80
N PHE C 255 -1.40 -29.66 11.10
CA PHE C 255 -2.37 -29.73 12.18
C PHE C 255 -3.73 -29.31 11.66
N GLU C 256 -4.69 -30.23 11.70
CA GLU C 256 -6.04 -29.93 11.26
C GLU C 256 -6.00 -29.37 9.83
N GLY C 257 -5.19 -30.01 8.99
CA GLY C 257 -5.14 -29.75 7.57
C GLY C 257 -4.32 -28.53 7.18
N GLN C 258 -3.66 -27.92 8.17
CA GLN C 258 -2.87 -26.71 7.96
C GLN C 258 -1.39 -26.99 8.18
N MET C 259 -0.54 -26.37 7.39
CA MET C 259 0.89 -26.46 7.62
C MET C 259 1.23 -25.55 8.78
N VAL C 260 1.91 -26.09 9.78
CA VAL C 260 2.24 -25.35 11.00
C VAL C 260 3.74 -25.36 11.26
N ASP C 261 4.31 -24.18 11.41
CA ASP C 261 5.68 -24.10 11.88
C ASP C 261 5.87 -22.90 12.79
N SER C 262 7.11 -22.52 13.03
CA SER C 262 7.46 -21.54 14.06
C SER C 262 6.53 -20.33 14.17
N PRO C 263 6.37 -19.55 13.09
CA PRO C 263 5.58 -18.32 13.26
C PRO C 263 4.11 -18.57 13.55
N VAL C 264 3.55 -19.68 13.07
CA VAL C 264 2.16 -20.00 13.39
C VAL C 264 2.02 -20.31 14.89
N LEU C 265 3.00 -21.00 15.45
CA LEU C 265 3.06 -21.26 16.90
C LEU C 265 3.23 -19.97 17.68
N THR C 266 4.00 -19.04 17.12
CA THR C 266 4.10 -17.71 17.69
C THR C 266 2.73 -17.03 17.73
N HIS C 267 1.97 -17.14 16.66
CA HIS C 267 0.62 -16.58 16.65
C HIS C 267 -0.20 -17.14 17.85
N ALA C 268 -0.14 -18.46 18.03
CA ALA C 268 -0.89 -19.12 19.10
C ALA C 268 -0.46 -18.64 20.49
N GLU C 269 0.84 -18.51 20.69
CA GLU C 269 1.39 -17.99 21.92
C GLU C 269 0.95 -16.54 22.17
N THR C 270 0.85 -15.75 21.10
CA THR C 270 0.48 -14.36 21.24
C THR C 270 -0.99 -14.25 21.67
N MET C 271 -1.83 -15.10 21.11
CA MET C 271 -3.21 -15.20 21.54
C MET C 271 -3.34 -15.51 23.04
N LEU C 272 -2.57 -16.50 23.50
CA LEU C 272 -2.68 -16.90 24.91
C LEU C 272 -2.07 -15.85 25.82
N ARG C 273 -1.00 -15.22 25.36
CA ARG C 273 -0.43 -14.08 26.08
C ARG C 273 -1.48 -12.98 26.24
N ARG C 274 -2.15 -12.61 25.15
CA ARG C 274 -3.20 -11.60 25.23
C ARG C 274 -4.34 -12.01 26.17
N ALA C 275 -4.73 -13.29 26.14
CA ALA C 275 -5.78 -13.76 27.04
C ALA C 275 -5.27 -13.64 28.46
N GLY C 276 -3.98 -13.90 28.65
CA GLY C 276 -3.33 -13.70 29.94
C GLY C 276 -3.29 -12.25 30.35
N GLU C 277 -3.19 -11.36 29.37
CA GLU C 277 -3.19 -9.92 29.65
C GLU C 277 -4.55 -9.29 29.37
MG MG D . 9.02 -17.37 7.66
C PYR E . 6.46 -17.17 6.29
O PYR E . 5.25 -16.83 5.89
OXT PYR E . 6.82 -16.84 7.50
CA PYR E . 7.32 -17.87 5.42
O3 PYR E . 8.38 -18.50 5.85
CB PYR E . 7.03 -17.90 3.95
N1A COA F . 8.17 -32.46 -0.05
C2A COA F . 8.22 -33.69 -0.59
N3A COA F . 7.24 -34.59 -0.38
C4A COA F . 6.17 -34.29 0.37
C5A COA F . 6.08 -33.02 0.96
C6A COA F . 7.12 -32.11 0.72
N6A COA F . 7.04 -30.75 1.32
N7A COA F . 4.92 -32.97 1.66
C8A COA F . 4.30 -34.17 1.52
N9A COA F . 5.06 -34.97 0.76
C1B COA F . 4.75 -36.32 0.37
C2B COA F . 4.76 -37.28 1.45
O2B COA F . 6.03 -37.83 1.54
C3B COA F . 3.86 -38.29 0.97
O3B COA F . 4.54 -39.02 0.01
P3B COA F . 4.10 -40.47 -0.30
O7A COA F . 2.91 -40.81 0.55
O8A COA F . 5.25 -41.39 0.01
O9A COA F . 3.73 -40.57 -1.77
C4B COA F . 2.81 -37.53 0.31
O4B COA F . 3.46 -36.34 -0.16
C5B COA F . 1.73 -37.20 1.23
O5B COA F . 2.10 -36.84 2.50
P1A COA F . 1.16 -36.12 3.50
O1A COA F . 0.59 -37.15 4.43
O2A COA F . 0.05 -35.43 2.76
O3A COA F . 2.03 -35.08 4.28
P2A COA F . 2.63 -35.32 5.72
O4A COA F . 1.52 -35.64 6.70
O5A COA F . 3.63 -36.45 5.69
O6A COA F . 3.36 -34.04 6.20
CBP COA F . 3.97 -31.68 6.00
CCP COA F . 2.94 -32.79 5.78
CDP COA F . 4.83 -31.98 7.22
CEP COA F . 3.29 -30.34 6.18
CAP COA F . 4.84 -31.63 4.72
OAP COA F . 4.01 -31.31 3.66
C9P COA F . 5.93 -30.57 4.73
O9P COA F . 7.04 -30.80 5.18
N8P COA F . 5.60 -29.29 4.19
C7P COA F . 6.60 -28.21 4.15
C6P COA F . 6.79 -27.39 5.40
C5P COA F . 7.86 -26.34 5.27
O5P COA F . 8.82 -26.56 4.55
N4P COA F . 7.73 -25.12 6.03
C3P COA F . 8.74 -24.13 5.90
C2P COA F . 8.45 -23.07 4.85
S1P COA F . 6.75 -22.53 4.75
P PO4 G . -11.55 -5.38 -0.60
O1 PO4 G . -12.92 -6.00 -0.64
O2 PO4 G . -10.71 -5.90 -1.75
O3 PO4 G . -10.94 -5.71 0.72
O4 PO4 G . -11.69 -3.89 -0.66
P PO4 H . 21.85 -16.64 17.65
O1 PO4 H . 20.41 -16.55 17.19
O2 PO4 H . 21.90 -17.09 19.09
O3 PO4 H . 22.52 -15.28 17.54
O4 PO4 H . 22.59 -17.63 16.78
C1 GOL I . -2.10 -18.87 11.07
O1 GOL I . -1.76 -18.56 12.42
C2 GOL I . -2.80 -17.69 10.44
O2 GOL I . -1.92 -16.58 10.40
C3 GOL I . -3.21 -18.02 9.00
O3 GOL I . -4.11 -17.04 8.55
C1 GOL J . -8.07 -13.55 -10.82
O1 GOL J . -7.05 -14.30 -11.44
C2 GOL J . -9.38 -13.76 -11.58
O2 GOL J . -10.34 -12.83 -11.12
C3 GOL J . -9.13 -13.55 -13.06
O3 GOL J . -10.36 -13.51 -13.73
MG MG K . 0.68 3.90 -20.64
C PYR L . -1.79 3.28 -19.13
O PYR L . -2.68 2.71 -18.33
OXT PYR L . -0.76 2.58 -19.52
CA PYR L . -1.92 4.62 -19.55
O3 PYR L . -1.19 5.10 -20.52
CB PYR L . -2.89 5.55 -18.90
N1A COA M . -11.24 12.82 -28.90
C2A COA M . -12.11 13.51 -29.66
N3A COA M . -13.21 12.95 -30.17
C4A COA M . -13.47 11.64 -29.96
C5A COA M . -12.59 10.87 -29.19
C6A COA M . -11.46 11.51 -28.66
N6A COA M . -10.47 10.75 -27.82
N7A COA M . -13.11 9.62 -29.14
C8A COA M . -14.25 9.60 -29.85
N9A COA M . -14.49 10.82 -30.36
C1B COA M . -15.62 11.23 -31.18
C2B COA M . -15.64 10.58 -32.49
O2B COA M . -14.93 11.31 -33.44
C3B COA M . -17.04 10.56 -32.80
O3B COA M . -17.41 11.84 -33.15
P3B COA M . -18.36 12.13 -34.33
O7A COA M . -19.48 11.10 -34.32
O8A COA M . -17.59 12.03 -35.63
O9A COA M . -18.92 13.52 -34.19
C4B COA M . -17.68 10.25 -31.52
O4B COA M . -16.81 10.88 -30.55
C5B COA M . -17.82 8.82 -31.28
O5B COA M . -16.80 8.00 -31.70
P1A COA M . -16.73 6.47 -31.43
O1A COA M . -17.33 5.73 -32.59
O2A COA M . -17.49 6.11 -30.18
O3A COA M . -15.24 6.09 -31.21
P2A COA M . -14.24 5.64 -32.35
O4A COA M . -14.53 4.21 -32.78
O5A COA M . -14.29 6.57 -33.52
O6A COA M . -12.80 5.64 -31.77
CBP COA M . -11.23 5.55 -29.88
CCP COA M . -12.61 5.25 -30.46
CDP COA M . -10.18 5.40 -30.98
CEP COA M . -10.93 4.63 -28.74
CAP COA M . -11.25 7.00 -29.34
OAP COA M . -12.13 7.03 -28.27
C9P COA M . -9.90 7.47 -28.82
O9P COA M . -9.02 7.87 -29.58
N8P COA M . -9.66 7.40 -27.41
C7P COA M . -8.37 7.84 -26.85
C6P COA M . -7.20 6.91 -27.06
C5P COA M . -5.88 7.38 -26.49
O5P COA M . -5.49 8.53 -26.72
N4P COA M . -5.11 6.48 -25.67
C3P COA M . -3.87 6.94 -25.12
C2P COA M . -3.84 6.93 -23.62
S1P COA M . -4.97 5.76 -22.85
C1 GOL N . -7.85 -5.92 -18.11
O1 GOL N . -8.40 -5.23 -17.02
C2 GOL N . -6.87 -4.98 -18.78
O2 GOL N . -5.62 -5.05 -18.12
C3 GOL N . -6.78 -5.17 -20.31
O3 GOL N . -5.91 -6.24 -20.65
MG MG O . -6.24 14.98 13.09
C PYR P . -7.63 12.54 12.50
O PYR P . -8.22 11.54 11.89
OXT PYR P . -7.49 13.67 11.85
CA PYR P . -7.18 12.36 13.81
O3 PYR P . -6.70 13.38 14.51
CB PYR P . -7.23 11.02 14.45
N1A COA Q . -13.78 11.84 28.02
C2A COA Q . -14.37 11.74 29.22
N3A COA Q . -15.69 11.64 29.36
C4A COA Q . -16.49 11.65 28.27
C5A COA Q . -15.92 11.75 27.00
C6A COA Q . -14.53 11.85 26.91
N6A COA Q . -13.86 11.95 25.57
N7A COA Q . -16.94 11.71 26.11
C8A COA Q . -18.09 11.60 26.79
N9A COA Q . -17.82 11.56 28.10
C1B COA Q . -18.78 11.44 29.18
C2B COA Q . -19.63 12.61 29.39
O2B COA Q . -19.02 13.46 30.30
C3B COA Q . -20.82 12.05 29.99
O3B COA Q . -20.50 11.79 31.31
P3B COA Q . -21.55 11.89 32.46
O7A COA Q . -21.66 13.31 32.93
O8A COA Q . -21.08 11.02 33.59
O9A COA Q . -22.88 11.36 31.96
C4B COA Q . -20.97 10.77 29.29
O4B COA Q . -19.64 10.38 28.91
C5B COA Q . -21.79 10.88 28.10
O5B COA Q . -21.46 11.83 27.17
P1A COA Q . -22.30 12.01 25.87
O1A COA Q . -23.57 12.72 26.20
O2A COA Q . -22.57 10.66 25.26
O3A COA Q . -21.48 12.85 24.84
P2A COA Q . -21.29 14.42 24.89
O4A COA Q . -22.39 15.10 24.11
O5A COA Q . -21.28 14.90 26.31
O6A COA Q . -19.93 14.75 24.22
CBP COA Q . -18.14 14.38 22.56
CCP COA Q . -19.56 14.07 23.07
CDP COA Q . -17.84 15.88 22.64
CEP COA Q . -17.94 13.91 21.15
CAP COA Q . -17.15 13.62 23.48
OAP COA Q . -17.25 12.27 23.21
C9P COA Q . -15.68 13.97 23.29
O9P COA Q . -15.20 15.03 23.73
N8P COA Q . -14.86 13.04 22.58
C7P COA Q . -13.45 13.36 22.37
C6P COA Q . -13.15 14.37 21.30
C5P COA Q . -11.69 14.57 20.95
O5P COA Q . -10.86 14.67 21.86
N4P COA Q . -11.28 14.68 19.58
C3P COA Q . -9.90 14.86 19.29
C2P COA Q . -9.15 13.61 18.91
S1P COA Q . -9.91 12.56 17.68
P PO4 R . -11.76 -19.39 26.56
O1 PO4 R . -12.67 -20.18 27.47
O2 PO4 R . -11.45 -20.23 25.34
O3 PO4 R . -10.49 -19.08 27.32
O4 PO4 R . -12.43 -18.10 26.14
C1 GOL S . -16.21 9.92 7.85
O1 GOL S . -15.92 9.01 6.81
C2 GOL S . -15.54 11.27 7.62
O2 GOL S . -14.93 11.36 6.35
C3 GOL S . -16.52 12.41 7.89
O3 GOL S . -16.42 13.43 6.92
C1 GOL T . -20.80 6.86 -1.71
O1 GOL T . -20.79 7.74 -0.62
C2 GOL T . -19.37 6.40 -1.97
O2 GOL T . -19.30 4.99 -1.93
C3 GOL T . -18.95 6.90 -3.33
O3 GOL T . -17.61 6.52 -3.57
#